data_6ME1
#
_entry.id   6ME1
#
_cell.length_a   42.421
_cell.length_b   123.670
_cell.length_c   101.253
_cell.angle_alpha   90.00
_cell.angle_beta   90.87
_cell.angle_gamma   90.00
#
_symmetry.space_group_name_H-M   'P 1 21 1'
#
loop_
_entity.id
_entity.type
_entity.pdbx_description
1 polymer 'VRC34.01 Fab heavy chain'
2 polymer 'VRC34.01 Fab light chain'
3 polymer 'Envelope glycoprotein gp160'
4 water water
#
loop_
_entity_poly.entity_id
_entity_poly.type
_entity_poly.pdbx_seq_one_letter_code
_entity_poly.pdbx_strand_id
1 'polypeptide(L)'
;QEVLVQSGAEVKKPGASVKVSCRAFGYTFTGNALHWVRQAPGQGLEWLGWINPHSGDTTTSQKFQGRVYMTRDKSINTAF
LDVTRLTSDDTGIYYCARDKYYGNEAVGMDVWGQGTSVTVSSASTKGPSVFPLAPSSKSTSGGTAALGCLVKDYFPEPVT
VSWNSGALTSGVHTFPAVLQSSGLYSLSSVVTVPSSSLGTQTYICNVNHKPSNTKVDKKVEPK
;
A,C
2 'polypeptide(L)'
;DIQLTQSPSFLSASVGDKVTITCRASQGVRNELAWYQQKPGKAPNLLIYYASTLQSGVPSRFSATGSGTHFTLTVSSLQP
EDFATYFCQHMSSYPLTFGGGTKVEIKRTVAAPSVFIFPPSDEQLKSGTASVVCLLNNFYPREAKVQWKVDNALQSGNSQ
ESVTEQDSKDSTYSLSSTLTLSKADYEKHKVYACEVTHQGLSSPVTKSFNRG
;
B,D
3 'polypeptide(L)' AVGLGAVFLGHHHHHH F,E
#
# COMPACT_ATOMS: atom_id res chain seq x y z
N GLN A 1 -3.11 -12.17 2.12
CA GLN A 1 -3.00 -11.59 0.80
C GLN A 1 -4.18 -10.65 0.52
N GLU A 2 -5.34 -10.96 1.08
CA GLU A 2 -6.55 -10.17 0.85
C GLU A 2 -6.46 -8.85 1.61
N VAL A 3 -6.62 -7.75 0.87
CA VAL A 3 -6.48 -6.40 1.44
C VAL A 3 -7.52 -5.50 0.78
N LEU A 4 -8.13 -4.63 1.58
CA LEU A 4 -9.03 -3.59 1.10
C LEU A 4 -8.43 -2.23 1.44
N VAL A 5 -8.29 -1.37 0.43
CA VAL A 5 -7.66 -0.06 0.60
C VAL A 5 -8.71 1.01 0.35
N GLN A 6 -8.97 1.84 1.36
CA GLN A 6 -9.99 2.87 1.28
C GLN A 6 -9.36 4.24 1.04
N SER A 7 -10.18 5.15 0.50
CA SER A 7 -9.76 6.51 0.26
C SER A 7 -9.60 7.28 1.57
N GLY A 8 -9.06 8.49 1.48
CA GLY A 8 -8.65 9.25 2.65
C GLY A 8 -9.78 10.02 3.32
N ALA A 9 -9.39 10.71 4.40
CA ALA A 9 -10.36 11.37 5.27
C ALA A 9 -11.14 12.44 4.52
N GLU A 10 -12.40 12.62 4.92
CA GLU A 10 -13.30 13.58 4.30
C GLU A 10 -13.87 14.52 5.35
N VAL A 11 -14.07 15.78 4.95
CA VAL A 11 -14.72 16.79 5.77
C VAL A 11 -15.78 17.46 4.91
N LYS A 12 -17.04 17.40 5.35
CA LYS A 12 -18.16 17.87 4.56
C LYS A 12 -19.06 18.76 5.42
N LYS A 13 -19.80 19.63 4.74
CA LYS A 13 -20.80 20.48 5.37
C LYS A 13 -22.14 19.76 5.43
N PRO A 14 -23.01 20.15 6.36
CA PRO A 14 -24.34 19.55 6.41
C PRO A 14 -25.07 19.72 5.08
N GLY A 15 -25.76 18.66 4.66
CA GLY A 15 -26.45 18.65 3.39
C GLY A 15 -25.62 18.24 2.20
N ALA A 16 -24.31 18.14 2.34
CA ALA A 16 -23.44 17.73 1.26
C ALA A 16 -23.50 16.22 1.08
N SER A 17 -22.77 15.72 0.10
CA SER A 17 -22.61 14.29 -0.14
C SER A 17 -21.14 13.92 -0.02
N VAL A 18 -20.88 12.63 0.17
CA VAL A 18 -19.51 12.12 0.23
C VAL A 18 -19.44 10.81 -0.53
N LYS A 19 -18.34 10.59 -1.24
CA LYS A 19 -18.10 9.37 -1.99
C LYS A 19 -16.80 8.75 -1.48
N VAL A 20 -16.90 7.60 -0.84
CA VAL A 20 -15.73 6.88 -0.35
C VAL A 20 -15.50 5.67 -1.24
N SER A 21 -14.24 5.34 -1.49
CA SER A 21 -13.87 4.26 -2.38
C SER A 21 -13.10 3.19 -1.62
N CYS A 22 -13.10 1.98 -2.16
CA CYS A 22 -12.56 0.80 -1.49
C CYS A 22 -12.08 -0.17 -2.57
N ARG A 23 -10.77 -0.29 -2.73
CA ARG A 23 -10.20 -1.12 -3.78
C ARG A 23 -9.68 -2.42 -3.20
N ALA A 24 -10.04 -3.54 -3.82
CA ALA A 24 -9.66 -4.86 -3.34
C ALA A 24 -8.37 -5.32 -3.99
N PHE A 25 -7.43 -5.80 -3.18
CA PHE A 25 -6.18 -6.38 -3.64
C PHE A 25 -6.04 -7.80 -3.08
N GLY A 26 -5.33 -8.65 -3.80
CA GLY A 26 -4.95 -9.95 -3.30
C GLY A 26 -5.96 -11.05 -3.49
N TYR A 27 -7.10 -10.77 -4.12
CA TYR A 27 -8.10 -11.80 -4.40
C TYR A 27 -8.99 -11.30 -5.53
N THR A 28 -9.82 -12.20 -6.04
CA THR A 28 -10.71 -11.86 -7.15
C THR A 28 -11.86 -11.00 -6.63
N PHE A 29 -11.88 -9.74 -7.05
CA PHE A 29 -12.85 -8.76 -6.55
C PHE A 29 -14.29 -9.22 -6.71
N THR A 30 -14.63 -9.79 -7.87
CA THR A 30 -16.01 -10.19 -8.13
C THR A 30 -16.39 -11.49 -7.43
N GLY A 31 -15.53 -12.05 -6.59
CA GLY A 31 -15.82 -13.31 -5.93
C GLY A 31 -16.50 -13.23 -4.59
N ASN A 32 -16.62 -12.04 -3.99
CA ASN A 32 -17.18 -11.94 -2.64
C ASN A 32 -18.02 -10.68 -2.51
N ALA A 33 -19.16 -10.79 -1.82
CA ALA A 33 -19.94 -9.62 -1.47
C ALA A 33 -19.17 -8.74 -0.51
N LEU A 34 -19.48 -7.44 -0.53
CA LEU A 34 -18.77 -6.43 0.26
C LEU A 34 -19.76 -5.60 1.06
N HIS A 35 -19.53 -5.50 2.37
CA HIS A 35 -20.37 -4.72 3.25
C HIS A 35 -19.82 -3.30 3.41
N TRP A 36 -20.70 -2.39 3.82
CA TRP A 36 -20.30 -1.09 4.34
C TRP A 36 -20.81 -0.94 5.76
N VAL A 37 -19.90 -0.64 6.68
CA VAL A 37 -20.18 -0.58 8.11
C VAL A 37 -19.53 0.69 8.67
N ARG A 38 -20.22 1.38 9.56
CA ARG A 38 -19.72 2.63 10.10
C ARG A 38 -19.71 2.60 11.62
N GLN A 39 -18.89 3.48 12.20
CA GLN A 39 -18.69 3.54 13.64
C GLN A 39 -18.58 5.00 14.06
N ALA A 40 -19.60 5.51 14.73
CA ALA A 40 -19.54 6.87 15.26
C ALA A 40 -18.57 6.93 16.44
N PRO A 41 -18.00 8.11 16.72
CA PRO A 41 -17.03 8.23 17.84
C PRO A 41 -17.57 7.65 19.14
N GLY A 42 -16.85 6.66 19.68
CA GLY A 42 -17.23 6.03 20.92
C GLY A 42 -18.49 5.18 20.87
N GLN A 43 -18.99 4.90 19.67
CA GLN A 43 -20.21 4.13 19.51
C GLN A 43 -19.89 2.74 18.95
N GLY A 44 -20.94 1.97 18.69
CA GLY A 44 -20.82 0.63 18.17
C GLY A 44 -20.78 0.58 16.65
N LEU A 45 -21.04 -0.60 16.11
CA LEU A 45 -20.98 -0.84 14.67
C LEU A 45 -22.38 -0.84 14.08
N GLU A 46 -22.54 -0.14 12.97
CA GLU A 46 -23.83 0.00 12.31
C GLU A 46 -23.70 -0.39 10.85
N TRP A 47 -24.55 -1.32 10.41
CA TRP A 47 -24.50 -1.84 9.06
C TRP A 47 -25.27 -0.94 8.10
N LEU A 48 -24.62 -0.53 7.00
CA LEU A 48 -25.24 0.32 6.00
C LEU A 48 -25.86 -0.48 4.86
N GLY A 49 -25.21 -1.55 4.45
CA GLY A 49 -25.65 -2.31 3.30
C GLY A 49 -24.50 -3.13 2.76
N TRP A 50 -24.79 -3.88 1.70
CA TRP A 50 -23.74 -4.62 1.02
C TRP A 50 -24.04 -4.72 -0.46
N ILE A 51 -23.01 -5.07 -1.23
CA ILE A 51 -23.07 -5.05 -2.68
C ILE A 51 -22.48 -6.35 -3.20
N ASN A 52 -23.05 -6.87 -4.29
CA ASN A 52 -22.46 -7.95 -5.05
C ASN A 52 -21.60 -7.35 -6.15
N PRO A 53 -20.26 -7.42 -6.07
CA PRO A 53 -19.42 -6.77 -7.09
C PRO A 53 -19.51 -7.44 -8.45
N HIS A 54 -19.93 -8.70 -8.51
CA HIS A 54 -20.11 -9.36 -9.80
C HIS A 54 -21.28 -8.76 -10.56
N SER A 55 -22.46 -8.72 -9.93
CA SER A 55 -23.66 -8.27 -10.60
C SER A 55 -23.98 -6.79 -10.36
N GLY A 56 -23.40 -6.18 -9.34
CA GLY A 56 -23.82 -4.85 -8.94
C GLY A 56 -25.07 -4.80 -8.10
N ASP A 57 -25.68 -5.94 -7.81
CA ASP A 57 -26.86 -5.98 -6.95
C ASP A 57 -26.48 -5.57 -5.53
N THR A 58 -27.44 -4.94 -4.85
CA THR A 58 -27.21 -4.40 -3.52
C THR A 58 -28.40 -4.69 -2.63
N THR A 59 -28.16 -4.61 -1.32
CA THR A 59 -29.22 -4.47 -0.33
C THR A 59 -28.79 -3.38 0.63
N THR A 60 -29.67 -2.40 0.84
CA THR A 60 -29.39 -1.23 1.65
C THR A 60 -30.31 -1.23 2.86
N SER A 61 -29.74 -1.03 4.05
CA SER A 61 -30.53 -0.98 5.28
C SER A 61 -31.61 0.09 5.17
N GLN A 62 -32.82 -0.25 5.65
CA GLN A 62 -33.96 0.65 5.50
C GLN A 62 -33.68 2.04 6.05
N LYS A 63 -32.93 2.12 7.15
CA LYS A 63 -32.58 3.41 7.73
C LYS A 63 -31.87 4.32 6.73
N PHE A 64 -31.13 3.75 5.78
CA PHE A 64 -30.31 4.54 4.87
C PHE A 64 -30.80 4.53 3.43
N GLN A 65 -31.89 3.82 3.13
CA GLN A 65 -32.44 3.87 1.78
C GLN A 65 -32.83 5.29 1.41
N GLY A 66 -32.62 5.63 0.13
CA GLY A 66 -32.83 6.97 -0.37
C GLY A 66 -31.68 7.93 -0.14
N ARG A 67 -30.63 7.50 0.54
CA ARG A 67 -29.57 8.38 0.97
C ARG A 67 -28.19 7.77 0.69
N VAL A 68 -28.13 6.44 0.68
CA VAL A 68 -26.89 5.70 0.53
C VAL A 68 -26.95 4.90 -0.76
N TYR A 69 -25.87 4.97 -1.55
CA TYR A 69 -25.80 4.29 -2.83
C TYR A 69 -24.48 3.54 -2.93
N MET A 70 -24.57 2.27 -3.31
CA MET A 70 -23.39 1.42 -3.45
C MET A 70 -23.23 1.04 -4.92
N THR A 71 -22.05 1.31 -5.45
CA THR A 71 -21.71 0.99 -6.83
C THR A 71 -20.34 0.31 -6.85
N ARG A 72 -19.93 -0.13 -8.03
CA ARG A 72 -18.60 -0.71 -8.19
C ARG A 72 -18.12 -0.52 -9.62
N ASP A 73 -16.81 -0.51 -9.78
CA ASP A 73 -16.16 -0.43 -11.08
C ASP A 73 -15.20 -1.62 -11.15
N LYS A 74 -15.60 -2.64 -11.93
CA LYS A 74 -14.79 -3.86 -12.05
C LYS A 74 -13.39 -3.55 -12.60
N SER A 75 -13.30 -2.61 -13.54
CA SER A 75 -12.02 -2.36 -14.21
C SER A 75 -10.93 -1.95 -13.24
N ILE A 76 -11.29 -1.40 -12.07
CA ILE A 76 -10.31 -0.99 -11.08
C ILE A 76 -10.52 -1.69 -9.74
N ASN A 77 -11.33 -2.75 -9.71
CA ASN A 77 -11.53 -3.55 -8.49
C ASN A 77 -12.00 -2.69 -7.31
N THR A 78 -12.82 -1.67 -7.59
CA THR A 78 -13.15 -0.67 -6.59
C THR A 78 -14.66 -0.61 -6.36
N ALA A 79 -15.05 -0.61 -5.10
CA ALA A 79 -16.43 -0.40 -4.69
C ALA A 79 -16.57 0.99 -4.09
N PHE A 80 -17.70 1.65 -4.36
CA PHE A 80 -17.93 3.03 -3.92
C PHE A 80 -19.14 3.11 -3.01
N LEU A 81 -19.05 3.97 -2.00
CA LEU A 81 -20.16 4.30 -1.12
C LEU A 81 -20.48 5.79 -1.27
N ASP A 82 -21.70 6.08 -1.71
CA ASP A 82 -22.19 7.44 -1.78
C ASP A 82 -23.16 7.67 -0.62
N VAL A 83 -22.89 8.69 0.19
CA VAL A 83 -23.78 9.08 1.28
C VAL A 83 -24.17 10.54 1.06
N THR A 84 -25.45 10.77 0.80
CA THR A 84 -25.97 12.10 0.52
C THR A 84 -26.70 12.65 1.73
N ARG A 85 -27.13 13.92 1.63
CA ARG A 85 -27.88 14.61 2.67
C ARG A 85 -27.26 14.37 4.06
N LEU A 86 -25.95 14.62 4.15
CA LEU A 86 -25.22 14.35 5.37
C LEU A 86 -25.66 15.28 6.50
N THR A 87 -25.65 14.74 7.72
CA THR A 87 -25.78 15.52 8.94
C THR A 87 -24.69 15.10 9.90
N SER A 88 -24.57 15.82 11.02
CA SER A 88 -23.57 15.48 12.01
C SER A 88 -23.77 14.07 12.58
N ASP A 89 -24.96 13.50 12.43
CA ASP A 89 -25.17 12.11 12.81
C ASP A 89 -24.41 11.13 11.92
N ASP A 90 -23.89 11.59 10.79
CA ASP A 90 -23.14 10.74 9.88
C ASP A 90 -21.63 10.82 10.09
N THR A 91 -21.19 11.63 11.05
CA THR A 91 -19.78 11.72 11.38
C THR A 91 -19.32 10.40 12.00
N GLY A 92 -18.18 9.90 11.54
CA GLY A 92 -17.67 8.64 12.04
C GLY A 92 -16.71 8.03 11.04
N ILE A 93 -16.34 6.79 11.32
CA ILE A 93 -15.41 6.04 10.49
C ILE A 93 -16.21 5.00 9.71
N TYR A 94 -16.04 5.00 8.39
CA TYR A 94 -16.77 4.13 7.49
C TYR A 94 -15.83 3.05 6.97
N TYR A 95 -16.28 1.80 7.06
CA TYR A 95 -15.50 0.64 6.64
C TYR A 95 -16.18 -0.05 5.48
N CYS A 96 -15.38 -0.54 4.53
CA CYS A 96 -15.81 -1.64 3.67
C CYS A 96 -15.26 -2.92 4.25
N ALA A 97 -16.03 -4.01 4.08
CA ALA A 97 -15.61 -5.29 4.65
C ALA A 97 -16.11 -6.42 3.78
N ARG A 98 -15.22 -7.32 3.43
CA ARG A 98 -15.56 -8.47 2.62
C ARG A 98 -16.27 -9.53 3.45
N ASP A 99 -17.26 -10.18 2.85
CA ASP A 99 -17.89 -11.35 3.45
C ASP A 99 -17.24 -12.61 2.90
N LYS A 100 -17.01 -13.59 3.79
CA LYS A 100 -16.56 -14.90 3.32
C LYS A 100 -17.48 -15.43 2.23
N TYR A 101 -18.79 -15.21 2.39
CA TYR A 101 -19.77 -15.40 1.33
C TYR A 101 -19.84 -16.85 0.86
N TYR A 102 -19.59 -17.80 1.77
CA TYR A 102 -19.72 -19.21 1.43
C TYR A 102 -21.16 -19.51 1.00
N GLY A 103 -21.31 -20.22 -0.12
CA GLY A 103 -22.63 -20.55 -0.60
C GLY A 103 -23.49 -19.36 -0.97
N ASN A 104 -22.86 -18.22 -1.29
CA ASN A 104 -23.55 -17.01 -1.70
C ASN A 104 -24.50 -16.47 -0.61
N GLU A 105 -24.12 -16.63 0.66
CA GLU A 105 -24.87 -15.99 1.73
C GLU A 105 -23.89 -15.36 2.73
N ALA A 106 -24.43 -14.51 3.59
CA ALA A 106 -23.61 -13.84 4.58
C ALA A 106 -23.10 -14.83 5.60
N VAL A 107 -21.80 -14.77 5.89
CA VAL A 107 -21.17 -15.72 6.80
C VAL A 107 -20.35 -14.99 7.85
N GLY A 108 -19.58 -13.99 7.41
CA GLY A 108 -18.75 -13.22 8.30
C GLY A 108 -17.87 -12.24 7.55
N MET A 109 -17.52 -11.13 8.18
CA MET A 109 -16.73 -10.09 7.52
C MET A 109 -15.26 -10.37 7.79
N ASP A 110 -14.57 -11.04 6.85
CA ASP A 110 -13.25 -11.56 7.14
C ASP A 110 -12.11 -10.63 6.72
N VAL A 111 -12.36 -9.63 5.89
CA VAL A 111 -11.34 -8.66 5.50
C VAL A 111 -11.93 -7.27 5.62
N TRP A 112 -11.24 -6.38 6.33
CA TRP A 112 -11.71 -5.03 6.58
C TRP A 112 -10.73 -4.02 6.00
N GLY A 113 -11.25 -3.02 5.29
CA GLY A 113 -10.45 -1.86 4.94
C GLY A 113 -9.96 -1.14 6.19
N GLN A 114 -9.09 -0.16 5.98
CA GLN A 114 -8.55 0.57 7.13
C GLN A 114 -9.52 1.61 7.68
N GLY A 115 -10.62 1.88 6.98
CA GLY A 115 -11.57 2.87 7.46
C GLY A 115 -11.33 4.24 6.85
N THR A 116 -12.43 4.95 6.62
CA THR A 116 -12.40 6.32 6.10
C THR A 116 -13.12 7.22 7.10
N SER A 117 -12.41 8.22 7.61
CA SER A 117 -13.01 9.16 8.54
C SER A 117 -13.83 10.20 7.78
N VAL A 118 -15.09 10.37 8.17
CA VAL A 118 -15.97 11.38 7.57
C VAL A 118 -16.42 12.30 8.70
N THR A 119 -16.13 13.60 8.55
CA THR A 119 -16.57 14.61 9.50
C THR A 119 -17.59 15.51 8.81
N VAL A 120 -18.76 15.63 9.41
CA VAL A 120 -19.84 16.46 8.88
C VAL A 120 -20.05 17.61 9.87
N SER A 121 -19.70 18.83 9.45
CA SER A 121 -19.74 19.96 10.37
C SER A 121 -19.79 21.27 9.58
N SER A 122 -20.37 22.30 10.21
CA SER A 122 -20.36 23.65 9.65
C SER A 122 -19.02 24.34 9.83
N ALA A 123 -18.19 23.86 10.75
CA ALA A 123 -16.93 24.53 11.05
C ALA A 123 -16.01 24.51 9.84
N SER A 124 -15.15 25.53 9.76
CA SER A 124 -14.12 25.61 8.75
C SER A 124 -12.76 25.32 9.38
N THR A 125 -11.79 24.98 8.52
CA THR A 125 -10.45 24.60 8.98
C THR A 125 -9.86 25.69 9.86
N LYS A 126 -9.24 25.28 10.96
CA LYS A 126 -8.69 26.23 11.92
C LYS A 126 -7.61 25.55 12.74
N GLY A 127 -6.41 26.13 12.76
CA GLY A 127 -5.34 25.65 13.59
C GLY A 127 -5.61 25.95 15.06
N PRO A 128 -4.95 25.22 15.95
CA PRO A 128 -5.20 25.40 17.38
C PRO A 128 -4.38 26.52 17.99
N SER A 129 -4.91 27.06 19.08
CA SER A 129 -4.13 27.88 20.01
C SER A 129 -3.59 26.96 21.10
N VAL A 130 -2.28 27.00 21.31
CA VAL A 130 -1.62 26.15 22.30
C VAL A 130 -1.25 27.02 23.50
N PHE A 131 -1.77 26.66 24.67
CA PHE A 131 -1.52 27.36 25.92
C PHE A 131 -0.81 26.44 26.91
N PRO A 132 0.04 26.97 27.78
CA PRO A 132 0.74 26.12 28.74
C PRO A 132 -0.15 25.77 29.92
N LEU A 133 0.06 24.56 30.43
CA LEU A 133 -0.48 24.11 31.71
C LEU A 133 0.69 24.15 32.68
N ALA A 134 0.86 25.29 33.32
CA ALA A 134 2.11 25.57 34.04
C ALA A 134 2.22 24.71 35.29
N PRO A 135 3.37 24.09 35.53
CA PRO A 135 3.53 23.30 36.76
C PRO A 135 3.38 24.17 38.00
N SER A 136 2.53 23.73 38.91
CA SER A 136 2.14 24.56 40.05
C SER A 136 3.35 24.89 40.91
N SER A 137 3.31 26.07 41.51
CA SER A 137 4.32 26.49 42.48
C SER A 137 4.22 25.75 43.81
N LYS A 138 3.40 24.69 43.84
CA LYS A 138 3.23 23.87 45.02
C LYS A 138 3.69 22.43 44.74
N SER A 139 4.86 22.28 44.14
CA SER A 139 5.36 20.96 43.77
C SER A 139 5.97 20.26 44.99
N THR A 140 5.77 18.94 45.06
CA THR A 140 6.31 18.15 46.15
C THR A 140 7.84 18.10 46.06
N SER A 141 8.51 18.53 47.13
CA SER A 141 9.97 18.57 47.16
C SER A 141 10.52 17.15 47.07
N GLY A 142 11.14 16.81 45.95
CA GLY A 142 11.60 15.46 45.71
C GLY A 142 10.53 14.52 45.22
N GLY A 143 9.32 15.02 44.93
CA GLY A 143 8.24 14.17 44.48
C GLY A 143 8.00 14.24 42.99
N THR A 144 6.81 14.66 42.58
CA THR A 144 6.42 14.66 41.18
C THR A 144 5.56 15.87 40.87
N ALA A 145 5.89 16.58 39.80
CA ALA A 145 5.11 17.71 39.30
C ALA A 145 4.37 17.30 38.04
N ALA A 146 3.39 18.13 37.66
CA ALA A 146 2.59 17.88 36.47
C ALA A 146 2.48 19.16 35.66
N LEU A 147 2.70 19.05 34.36
CA LEU A 147 2.60 20.18 33.44
C LEU A 147 2.06 19.67 32.12
N GLY A 148 1.60 20.59 31.28
CA GLY A 148 1.04 20.16 30.03
C GLY A 148 0.77 21.31 29.08
N CYS A 149 0.09 20.97 27.98
CA CYS A 149 -0.28 21.92 26.96
C CYS A 149 -1.76 21.76 26.65
N LEU A 150 -2.48 22.88 26.61
CA LEU A 150 -3.86 22.92 26.19
C LEU A 150 -3.91 23.25 24.70
N VAL A 151 -4.48 22.34 23.91
CA VAL A 151 -4.56 22.49 22.46
C VAL A 151 -6.02 22.73 22.12
N LYS A 152 -6.40 23.98 21.91
CA LYS A 152 -7.79 24.41 21.94
C LYS A 152 -8.23 25.00 20.61
N ASP A 153 -9.48 24.74 20.26
CA ASP A 153 -10.19 25.42 19.17
C ASP A 153 -9.54 25.14 17.80
N TYR A 154 -9.57 23.87 17.40
CA TYR A 154 -9.11 23.48 16.09
C TYR A 154 -10.16 22.64 15.39
N PHE A 155 -10.02 22.54 14.06
CA PHE A 155 -10.93 21.75 13.25
C PHE A 155 -10.24 21.51 11.91
N PRO A 156 -10.32 20.30 11.34
CA PRO A 156 -10.93 19.13 11.96
C PRO A 156 -9.91 18.27 12.69
N GLU A 157 -10.34 17.11 13.18
CA GLU A 157 -9.38 16.11 13.65
C GLU A 157 -8.43 15.76 12.51
N PRO A 158 -7.19 15.33 12.81
CA PRO A 158 -6.59 15.17 14.14
C PRO A 158 -5.46 16.15 14.42
N VAL A 159 -4.97 16.14 15.65
CA VAL A 159 -3.68 16.76 15.98
C VAL A 159 -2.82 15.70 16.64
N THR A 160 -1.51 15.86 16.49
CA THR A 160 -0.54 15.05 17.21
C THR A 160 0.22 15.95 18.16
N VAL A 161 0.66 15.37 19.28
CA VAL A 161 1.42 16.08 20.30
C VAL A 161 2.61 15.22 20.69
N SER A 162 3.80 15.79 20.63
CA SER A 162 5.00 15.19 21.21
C SER A 162 5.60 16.16 22.21
N TRP A 163 6.53 15.65 23.03
CA TRP A 163 7.19 16.44 24.06
C TRP A 163 8.69 16.42 23.82
N ASN A 164 9.30 17.60 23.84
CA ASN A 164 10.74 17.75 23.65
C ASN A 164 11.19 17.05 22.36
N SER A 165 10.50 17.37 21.27
CA SER A 165 10.78 16.82 19.94
C SER A 165 10.78 15.29 19.97
N GLY A 166 9.99 14.70 20.85
CA GLY A 166 9.87 13.26 20.94
C GLY A 166 10.81 12.60 21.93
N ALA A 167 11.65 13.37 22.63
CA ALA A 167 12.61 12.78 23.56
C ALA A 167 11.95 12.32 24.85
N LEU A 168 10.84 12.94 25.25
CA LEU A 168 10.15 12.62 26.49
C LEU A 168 8.87 11.86 26.15
N THR A 169 8.81 10.59 26.58
CA THR A 169 7.65 9.75 26.34
C THR A 169 7.12 9.05 27.59
N SER A 170 7.83 9.13 28.71
CA SER A 170 7.40 8.47 29.95
C SER A 170 6.53 9.42 30.75
N GLY A 171 5.41 8.89 31.27
CA GLY A 171 4.48 9.70 32.01
C GLY A 171 3.62 10.63 31.18
N VAL A 172 3.67 10.51 29.86
CA VAL A 172 2.89 11.36 28.97
C VAL A 172 1.49 10.79 28.82
N HIS A 173 0.48 11.67 28.94
CA HIS A 173 -0.91 11.32 28.64
C HIS A 173 -1.47 12.41 27.73
N THR A 174 -1.73 12.05 26.47
CA THR A 174 -2.38 12.97 25.53
C THR A 174 -3.83 12.52 25.38
N PHE A 175 -4.74 13.34 25.86
CA PHE A 175 -6.13 12.92 25.98
C PHE A 175 -6.85 12.94 24.63
N PRO A 176 -7.83 12.06 24.45
CA PRO A 176 -8.71 12.16 23.28
C PRO A 176 -9.37 13.53 23.24
N ALA A 177 -9.46 14.09 22.04
CA ALA A 177 -10.10 15.39 21.88
C ALA A 177 -11.59 15.30 22.19
N VAL A 178 -12.13 16.38 22.74
CA VAL A 178 -13.56 16.54 22.92
C VAL A 178 -14.04 17.55 21.88
N LEU A 179 -15.31 17.44 21.51
CA LEU A 179 -15.93 18.38 20.57
C LEU A 179 -16.68 19.42 21.39
N GLN A 180 -16.17 20.65 21.38
CA GLN A 180 -16.81 21.73 22.12
C GLN A 180 -18.10 22.15 21.45
N SER A 181 -18.99 22.76 22.24
CA SER A 181 -20.26 23.24 21.70
C SER A 181 -20.08 24.20 20.53
N SER A 182 -18.89 24.83 20.43
CA SER A 182 -18.60 25.71 19.30
C SER A 182 -18.47 24.96 17.98
N GLY A 183 -18.29 23.65 18.02
CA GLY A 183 -17.96 22.90 16.83
C GLY A 183 -16.48 22.75 16.59
N LEU A 184 -15.64 23.30 17.46
CA LEU A 184 -14.20 23.13 17.40
C LEU A 184 -13.75 22.09 18.42
N TYR A 185 -12.65 21.42 18.10
CA TYR A 185 -12.10 20.42 19.00
C TYR A 185 -11.11 21.06 19.97
N SER A 186 -10.88 20.36 21.08
CA SER A 186 -9.91 20.78 22.07
C SER A 186 -9.38 19.53 22.77
N LEU A 187 -8.08 19.53 23.08
CA LEU A 187 -7.51 18.46 23.90
C LEU A 187 -6.40 19.04 24.75
N SER A 188 -5.95 18.23 25.70
CA SER A 188 -4.78 18.54 26.50
C SER A 188 -3.82 17.37 26.45
N SER A 189 -2.55 17.67 26.62
CA SER A 189 -1.50 16.67 26.76
C SER A 189 -0.72 17.00 28.01
N VAL A 190 -0.51 16.03 28.89
CA VAL A 190 0.15 16.25 30.16
C VAL A 190 1.26 15.24 30.34
N VAL A 191 2.13 15.52 31.32
CA VAL A 191 3.22 14.63 31.68
C VAL A 191 3.59 14.89 33.13
N THR A 192 3.98 13.84 33.85
CA THR A 192 4.45 13.94 35.21
C THR A 192 5.98 13.81 35.23
N VAL A 193 6.64 14.81 35.79
CA VAL A 193 8.11 14.85 35.82
C VAL A 193 8.55 15.10 37.26
N PRO A 194 9.78 14.73 37.60
CA PRO A 194 10.30 15.03 38.94
C PRO A 194 10.31 16.54 39.19
N SER A 195 9.83 16.92 40.37
CA SER A 195 9.78 18.34 40.73
C SER A 195 11.16 18.96 40.80
N SER A 196 12.20 18.16 41.06
CA SER A 196 13.55 18.68 41.11
C SER A 196 14.07 19.08 39.72
N SER A 197 13.41 18.64 38.66
CA SER A 197 13.84 18.95 37.29
C SER A 197 13.28 20.26 36.77
N LEU A 198 12.28 20.84 37.43
CA LEU A 198 11.73 22.12 37.00
C LEU A 198 12.82 23.18 37.05
N GLY A 199 12.81 24.06 36.05
CA GLY A 199 13.86 25.07 35.92
C GLY A 199 15.11 24.50 35.31
N THR A 200 15.54 23.33 35.80
CA THR A 200 16.70 22.62 35.26
C THR A 200 16.41 22.14 33.84
N GLN A 201 15.46 21.21 33.71
CA GLN A 201 15.14 20.62 32.43
C GLN A 201 14.14 21.47 31.66
N THR A 202 14.32 21.54 30.34
CA THR A 202 13.42 22.26 29.46
C THR A 202 12.26 21.35 29.04
N TYR A 203 11.05 21.90 29.04
CA TYR A 203 9.85 21.14 28.68
C TYR A 203 9.08 21.91 27.62
N ILE A 204 9.04 21.36 26.40
CA ILE A 204 8.36 21.96 25.26
C ILE A 204 7.46 20.91 24.63
N CYS A 205 6.25 21.31 24.26
CA CYS A 205 5.31 20.43 23.58
C CYS A 205 5.23 20.82 22.10
N ASN A 206 5.23 19.80 21.23
CA ASN A 206 5.19 20.00 19.79
C ASN A 206 3.80 19.60 19.29
N VAL A 207 3.06 20.57 18.77
CA VAL A 207 1.70 20.36 18.30
C VAL A 207 1.69 20.42 16.79
N ASN A 208 1.07 19.42 16.15
CA ASN A 208 0.99 19.34 14.71
C ASN A 208 -0.46 19.16 14.29
N HIS A 209 -1.01 20.15 13.59
CA HIS A 209 -2.35 20.09 13.02
C HIS A 209 -2.20 20.16 11.50
N LYS A 210 -1.94 19.01 10.88
CA LYS A 210 -1.71 18.97 9.44
C LYS A 210 -2.87 19.51 8.61
N PRO A 211 -4.15 19.32 8.97
CA PRO A 211 -5.23 19.92 8.16
C PRO A 211 -5.09 21.41 7.91
N SER A 212 -4.47 22.18 8.81
CA SER A 212 -4.27 23.60 8.62
C SER A 212 -2.80 23.98 8.48
N ASN A 213 -1.90 23.00 8.40
CA ASN A 213 -0.47 23.23 8.29
C ASN A 213 0.05 24.06 9.46
N THR A 214 -0.38 23.69 10.67
CA THR A 214 -0.02 24.40 11.89
C THR A 214 0.93 23.53 12.71
N LYS A 215 2.15 24.02 12.91
CA LYS A 215 3.14 23.39 13.78
C LYS A 215 3.55 24.39 14.84
N VAL A 216 3.16 24.14 16.09
CA VAL A 216 3.38 25.06 17.19
C VAL A 216 4.28 24.38 18.22
N ASP A 217 5.32 25.08 18.65
CA ASP A 217 6.14 24.70 19.80
C ASP A 217 5.87 25.70 20.90
N LYS A 218 5.40 25.22 22.05
CA LYS A 218 5.15 26.08 23.21
C LYS A 218 5.98 25.59 24.38
N LYS A 219 6.77 26.50 24.95
CA LYS A 219 7.59 26.19 26.11
C LYS A 219 6.75 26.31 27.37
N VAL A 220 6.83 25.30 28.24
CA VAL A 220 6.00 25.22 29.44
C VAL A 220 6.92 25.40 30.64
N GLU A 221 6.78 26.53 31.33
CA GLU A 221 7.63 26.86 32.45
C GLU A 221 6.78 27.25 33.66
N PRO A 222 7.29 27.04 34.87
CA PRO A 222 6.54 27.44 36.06
C PRO A 222 6.27 28.95 36.06
N LYS A 223 5.21 29.33 36.76
CA LYS A 223 4.87 30.74 36.91
C LYS A 223 5.19 31.24 38.30
N ASP B 1 -36.30 -5.13 13.35
CA ASP B 1 -34.87 -5.46 13.44
C ASP B 1 -34.62 -6.41 14.61
N ILE B 2 -33.70 -7.35 14.39
CA ILE B 2 -33.24 -8.22 15.47
C ILE B 2 -32.24 -7.44 16.31
N GLN B 3 -32.52 -7.29 17.61
CA GLN B 3 -31.59 -6.68 18.52
C GLN B 3 -30.75 -7.74 19.21
N LEU B 4 -29.45 -7.49 19.30
CA LEU B 4 -28.51 -8.39 19.95
C LEU B 4 -28.04 -7.75 21.25
N THR B 5 -28.32 -8.39 22.37
CA THR B 5 -27.93 -7.87 23.68
C THR B 5 -26.75 -8.69 24.19
N GLN B 6 -25.64 -8.00 24.47
CA GLN B 6 -24.43 -8.62 24.98
C GLN B 6 -24.30 -8.38 26.48
N SER B 7 -23.80 -9.39 27.19
CA SER B 7 -23.60 -9.29 28.64
C SER B 7 -22.32 -10.01 29.03
N PRO B 8 -21.52 -9.42 29.94
CA PRO B 8 -21.78 -8.07 30.44
C PRO B 8 -21.25 -7.03 29.46
N SER B 9 -21.60 -5.76 29.65
CA SER B 9 -21.06 -4.73 28.78
C SER B 9 -19.58 -4.46 29.09
N PHE B 10 -19.18 -4.67 30.34
CA PHE B 10 -17.83 -4.37 30.79
C PHE B 10 -17.35 -5.51 31.68
N LEU B 11 -16.07 -5.87 31.53
CA LEU B 11 -15.52 -7.03 32.22
C LEU B 11 -14.07 -6.72 32.61
N SER B 12 -13.72 -7.02 33.86
CA SER B 12 -12.36 -6.90 34.37
C SER B 12 -11.80 -8.29 34.62
N ALA B 13 -10.61 -8.56 34.09
CA ALA B 13 -10.01 -9.87 34.26
C ALA B 13 -8.50 -9.75 34.26
N SER B 14 -7.84 -10.84 34.63
CA SER B 14 -6.39 -10.93 34.68
C SER B 14 -5.89 -11.86 33.59
N VAL B 15 -4.61 -11.67 33.21
CA VAL B 15 -3.97 -12.59 32.28
C VAL B 15 -4.03 -13.99 32.84
N GLY B 16 -4.50 -14.94 32.02
CA GLY B 16 -4.65 -16.31 32.43
C GLY B 16 -6.07 -16.70 32.81
N ASP B 17 -6.95 -15.73 33.05
CA ASP B 17 -8.32 -16.04 33.43
C ASP B 17 -9.07 -16.65 32.25
N LYS B 18 -10.10 -17.42 32.57
CA LYS B 18 -11.09 -17.86 31.60
C LYS B 18 -12.30 -16.95 31.71
N VAL B 19 -12.73 -16.37 30.59
CA VAL B 19 -13.87 -15.47 30.58
C VAL B 19 -14.84 -15.90 29.48
N THR B 20 -16.13 -15.71 29.76
CA THR B 20 -17.20 -16.04 28.84
C THR B 20 -18.08 -14.81 28.62
N ILE B 21 -18.32 -14.49 27.35
CA ILE B 21 -19.18 -13.38 26.96
C ILE B 21 -20.45 -13.97 26.37
N THR B 22 -21.57 -13.29 26.58
CA THR B 22 -22.88 -13.77 26.19
C THR B 22 -23.53 -12.80 25.20
N CYS B 23 -24.18 -13.37 24.19
CA CYS B 23 -24.94 -12.60 23.21
C CYS B 23 -26.32 -13.23 23.09
N ARG B 24 -27.36 -12.45 23.37
CA ARG B 24 -28.74 -12.90 23.26
C ARG B 24 -29.43 -12.15 22.13
N ALA B 25 -30.02 -12.88 21.20
CA ALA B 25 -30.77 -12.29 20.11
C ALA B 25 -32.24 -12.21 20.48
N SER B 26 -32.88 -11.09 20.13
CA SER B 26 -34.30 -10.91 20.41
C SER B 26 -35.17 -11.85 19.58
N GLN B 27 -34.63 -12.41 18.51
CA GLN B 27 -35.30 -13.45 17.73
C GLN B 27 -34.29 -14.55 17.43
N GLY B 28 -34.80 -15.71 17.02
CA GLY B 28 -33.92 -16.82 16.67
C GLY B 28 -33.18 -16.56 15.37
N VAL B 29 -31.90 -16.90 15.35
CA VAL B 29 -31.06 -16.65 14.18
C VAL B 29 -30.32 -17.92 13.75
N ARG B 30 -30.72 -19.06 14.31
CA ARG B 30 -30.14 -20.37 13.97
C ARG B 30 -28.63 -20.30 14.26
N ASN B 31 -27.77 -20.69 13.33
CA ASN B 31 -26.32 -20.62 13.51
C ASN B 31 -25.71 -19.40 12.81
N GLU B 32 -26.53 -18.43 12.43
CA GLU B 32 -26.08 -17.37 11.52
C GLU B 32 -25.59 -16.17 12.32
N LEU B 33 -24.48 -16.41 13.02
CA LEU B 33 -23.92 -15.44 13.96
C LEU B 33 -22.41 -15.49 13.91
N ALA B 34 -21.78 -14.32 13.99
CA ALA B 34 -20.34 -14.18 13.99
C ALA B 34 -19.90 -13.39 15.22
N TRP B 35 -18.64 -13.57 15.62
CA TRP B 35 -18.02 -12.81 16.69
C TRP B 35 -16.83 -12.04 16.14
N TYR B 36 -16.59 -10.85 16.69
CA TYR B 36 -15.49 -9.99 16.27
C TYR B 36 -14.75 -9.45 17.49
N GLN B 37 -13.47 -9.15 17.27
CA GLN B 37 -12.65 -8.43 18.24
C GLN B 37 -12.31 -7.05 17.65
N GLN B 38 -12.29 -6.03 18.50
CA GLN B 38 -11.86 -4.71 18.04
C GLN B 38 -11.04 -4.03 19.10
N LYS B 39 -9.96 -3.40 18.68
CA LYS B 39 -9.10 -2.58 19.53
C LYS B 39 -9.18 -1.12 19.11
N PRO B 40 -8.88 -0.19 20.03
CA PRO B 40 -9.01 1.24 19.70
C PRO B 40 -8.21 1.62 18.46
N GLY B 41 -8.87 2.32 17.54
CA GLY B 41 -8.22 2.76 16.33
C GLY B 41 -8.01 1.70 15.28
N LYS B 42 -8.62 0.53 15.43
CA LYS B 42 -8.44 -0.57 14.49
C LYS B 42 -9.79 -1.06 14.01
N ALA B 43 -9.79 -1.63 12.80
CA ALA B 43 -10.98 -2.30 12.31
C ALA B 43 -11.20 -3.59 13.08
N PRO B 44 -12.44 -4.07 13.16
CA PRO B 44 -12.70 -5.36 13.80
C PRO B 44 -11.99 -6.48 13.05
N ASN B 45 -11.76 -7.59 13.75
CA ASN B 45 -11.21 -8.81 13.17
C ASN B 45 -12.16 -9.96 13.46
N LEU B 46 -12.47 -10.74 12.43
CA LEU B 46 -13.42 -11.83 12.58
C LEU B 46 -12.81 -12.98 13.37
N LEU B 47 -13.54 -13.44 14.39
CA LEU B 47 -13.13 -14.56 15.24
C LEU B 47 -13.88 -15.84 14.92
N ILE B 48 -15.20 -15.77 14.83
CA ILE B 48 -16.06 -16.94 14.78
C ILE B 48 -17.11 -16.70 13.70
N TYR B 49 -17.43 -17.75 12.94
CA TYR B 49 -18.58 -17.73 12.06
C TYR B 49 -19.32 -19.06 12.19
N TYR B 50 -20.53 -19.09 11.62
CA TYR B 50 -21.47 -20.20 11.86
C TYR B 50 -21.63 -20.47 13.36
N ALA B 51 -21.51 -19.41 14.16
CA ALA B 51 -21.72 -19.41 15.60
C ALA B 51 -20.62 -20.14 16.39
N SER B 52 -19.88 -21.05 15.75
CA SER B 52 -18.90 -21.83 16.50
C SER B 52 -17.66 -22.23 15.72
N THR B 53 -17.50 -21.86 14.46
CA THR B 53 -16.30 -22.21 13.71
C THR B 53 -15.29 -21.06 13.79
N LEU B 54 -14.05 -21.38 14.18
CA LEU B 54 -12.99 -20.38 14.25
C LEU B 54 -12.56 -19.92 12.87
N GLN B 55 -12.38 -18.60 12.74
CA GLN B 55 -11.80 -18.04 11.53
C GLN B 55 -10.32 -18.44 11.41
N SER B 56 -9.88 -18.63 10.18
CA SER B 56 -8.49 -18.98 9.91
C SER B 56 -7.52 -18.02 10.61
N GLY B 57 -6.56 -18.59 11.32
CA GLY B 57 -5.55 -17.81 12.00
C GLY B 57 -5.94 -17.27 13.35
N VAL B 58 -7.16 -17.52 13.81
CA VAL B 58 -7.58 -17.09 15.14
C VAL B 58 -7.03 -18.09 16.14
N PRO B 59 -6.45 -17.63 17.26
CA PRO B 59 -5.90 -18.58 18.24
C PRO B 59 -6.98 -19.48 18.82
N SER B 60 -6.58 -20.70 19.17
CA SER B 60 -7.53 -21.72 19.64
C SER B 60 -8.03 -21.47 21.06
N ARG B 61 -7.47 -20.50 21.78
CA ARG B 61 -8.05 -20.20 23.08
C ARG B 61 -9.41 -19.52 22.95
N PHE B 62 -9.77 -19.03 21.76
CA PHE B 62 -11.13 -18.60 21.49
C PHE B 62 -11.99 -19.79 21.07
N SER B 63 -13.20 -19.86 21.63
CA SER B 63 -14.22 -20.79 21.17
C SER B 63 -15.57 -20.16 21.42
N ALA B 64 -16.60 -20.70 20.78
CA ALA B 64 -17.93 -20.12 20.88
C ALA B 64 -18.98 -21.21 20.72
N THR B 65 -20.13 -21.03 21.36
CA THR B 65 -21.24 -21.96 21.26
C THR B 65 -22.54 -21.19 21.08
N GLY B 66 -23.59 -21.91 20.71
CA GLY B 66 -24.91 -21.31 20.67
C GLY B 66 -25.72 -21.62 19.43
N SER B 67 -27.05 -21.59 19.58
CA SER B 67 -27.96 -21.77 18.48
C SER B 67 -29.26 -21.07 18.84
N GLY B 68 -29.92 -20.50 17.83
CA GLY B 68 -31.18 -19.83 18.06
C GLY B 68 -31.06 -18.43 18.62
N THR B 69 -31.16 -18.30 19.94
CA THR B 69 -31.16 -17.00 20.60
C THR B 69 -30.03 -16.79 21.58
N HIS B 70 -29.37 -17.85 22.06
CA HIS B 70 -28.38 -17.73 23.13
C HIS B 70 -27.02 -18.17 22.62
N PHE B 71 -26.02 -17.30 22.73
CA PHE B 71 -24.70 -17.54 22.19
C PHE B 71 -23.65 -17.09 23.20
N THR B 72 -22.54 -17.82 23.25
CA THR B 72 -21.43 -17.46 24.14
C THR B 72 -20.11 -17.51 23.39
N LEU B 73 -19.18 -16.65 23.82
CA LEU B 73 -17.80 -16.67 23.37
C LEU B 73 -16.91 -16.84 24.58
N THR B 74 -15.95 -17.75 24.48
CA THR B 74 -15.06 -18.09 25.59
C THR B 74 -13.61 -17.92 25.18
N VAL B 75 -12.84 -17.21 26.01
CA VAL B 75 -11.39 -17.20 25.93
C VAL B 75 -10.86 -18.07 27.06
N SER B 76 -10.12 -19.14 26.71
CA SER B 76 -9.73 -20.12 27.72
C SER B 76 -8.69 -19.56 28.68
N SER B 77 -7.81 -18.67 28.20
CA SER B 77 -6.77 -18.11 29.05
C SER B 77 -6.37 -16.76 28.45
N LEU B 78 -6.92 -15.68 29.00
CA LEU B 78 -6.69 -14.36 28.46
C LEU B 78 -5.22 -14.02 28.45
N GLN B 79 -4.74 -13.54 27.31
CA GLN B 79 -3.39 -13.05 27.14
C GLN B 79 -3.41 -11.54 26.91
N PRO B 80 -2.27 -10.85 27.08
CA PRO B 80 -2.27 -9.39 26.91
C PRO B 80 -2.91 -8.91 25.61
N GLU B 81 -2.74 -9.64 24.51
CA GLU B 81 -3.33 -9.23 23.24
C GLU B 81 -4.85 -9.39 23.21
N ASP B 82 -5.46 -10.08 24.17
CA ASP B 82 -6.88 -10.34 24.15
C ASP B 82 -7.71 -9.26 24.84
N PHE B 83 -7.08 -8.31 25.53
CA PHE B 83 -7.85 -7.24 26.14
C PHE B 83 -8.30 -6.27 25.05
N ALA B 84 -9.62 -6.19 24.86
CA ALA B 84 -10.22 -5.49 23.73
C ALA B 84 -11.73 -5.53 23.88
N THR B 85 -12.45 -5.05 22.87
CA THR B 85 -13.90 -5.11 22.85
C THR B 85 -14.35 -6.19 21.88
N TYR B 86 -15.39 -6.93 22.25
CA TYR B 86 -15.90 -8.02 21.46
C TYR B 86 -17.35 -7.77 21.05
N PHE B 87 -17.67 -8.08 19.79
CA PHE B 87 -19.00 -7.87 19.22
C PHE B 87 -19.52 -9.18 18.66
N CYS B 88 -20.82 -9.43 18.86
CA CYS B 88 -21.52 -10.43 18.06
C CYS B 88 -22.29 -9.74 16.93
N GLN B 89 -22.60 -10.52 15.90
CA GLN B 89 -23.32 -10.02 14.74
C GLN B 89 -24.10 -11.18 14.15
N HIS B 90 -25.35 -10.91 13.79
CA HIS B 90 -26.20 -11.89 13.12
C HIS B 90 -26.32 -11.51 11.65
N MET B 91 -26.73 -12.48 10.84
CA MET B 91 -26.97 -12.26 9.42
C MET B 91 -28.14 -13.10 8.95
N SER B 92 -29.14 -13.30 9.81
CA SER B 92 -30.30 -14.12 9.43
C SER B 92 -31.33 -13.34 8.63
N SER B 93 -31.33 -12.01 8.71
CA SER B 93 -32.30 -11.18 8.00
C SER B 93 -31.83 -9.74 8.04
N TYR B 94 -32.46 -8.90 7.22
CA TYR B 94 -32.07 -7.50 7.16
C TYR B 94 -32.84 -6.68 8.19
N PRO B 95 -32.20 -5.66 8.80
CA PRO B 95 -30.80 -5.32 8.55
C PRO B 95 -29.86 -6.17 9.38
N LEU B 96 -28.65 -6.42 8.88
CA LEU B 96 -27.61 -7.00 9.72
C LEU B 96 -27.35 -6.07 10.90
N THR B 97 -27.27 -6.63 12.10
CA THR B 97 -27.04 -5.83 13.29
C THR B 97 -25.95 -6.47 14.14
N PHE B 98 -25.30 -5.62 14.92
CA PHE B 98 -24.25 -6.00 15.85
C PHE B 98 -24.76 -5.84 17.28
N GLY B 99 -24.17 -6.61 18.19
CA GLY B 99 -24.37 -6.37 19.60
C GLY B 99 -23.65 -5.12 20.05
N GLY B 100 -24.02 -4.65 21.25
CA GLY B 100 -23.47 -3.42 21.77
C GLY B 100 -22.02 -3.51 22.22
N GLY B 101 -21.47 -4.70 22.31
CA GLY B 101 -20.06 -4.86 22.62
C GLY B 101 -19.81 -5.18 24.07
N THR B 102 -18.71 -5.89 24.32
CA THR B 102 -18.27 -6.24 25.67
C THR B 102 -16.79 -5.85 25.77
N LYS B 103 -16.49 -4.89 26.63
CA LYS B 103 -15.11 -4.42 26.79
C LYS B 103 -14.43 -5.21 27.89
N VAL B 104 -13.28 -5.80 27.57
CA VAL B 104 -12.49 -6.60 28.49
C VAL B 104 -11.27 -5.79 28.89
N GLU B 105 -11.20 -5.41 30.16
CA GLU B 105 -10.10 -4.59 30.67
C GLU B 105 -9.19 -5.42 31.58
N ILE B 106 -8.01 -4.87 31.85
CA ILE B 106 -7.05 -5.52 32.74
C ILE B 106 -7.41 -5.22 34.18
N LYS B 107 -7.51 -6.27 34.99
CA LYS B 107 -7.71 -6.12 36.42
C LYS B 107 -6.38 -5.75 37.10
N ARG B 108 -6.45 -4.82 38.04
CA ARG B 108 -5.30 -4.47 38.86
C ARG B 108 -5.80 -3.99 40.22
N THR B 109 -4.86 -3.66 41.10
CA THR B 109 -5.23 -3.18 42.42
C THR B 109 -5.78 -1.76 42.35
N VAL B 110 -6.51 -1.38 43.40
CA VAL B 110 -7.04 -0.02 43.47
C VAL B 110 -5.89 0.96 43.54
N ALA B 111 -5.99 2.03 42.77
CA ALA B 111 -4.97 3.08 42.74
C ALA B 111 -5.67 4.42 42.75
N ALA B 112 -5.42 5.22 43.79
CA ALA B 112 -6.03 6.54 43.87
C ALA B 112 -5.41 7.46 42.83
N PRO B 113 -6.18 8.41 42.30
CA PRO B 113 -5.60 9.39 41.38
C PRO B 113 -4.70 10.37 42.09
N SER B 114 -3.64 10.79 41.40
CA SER B 114 -2.97 12.03 41.74
C SER B 114 -3.71 13.16 41.04
N VAL B 115 -4.04 14.21 41.79
CA VAL B 115 -4.95 15.25 41.32
C VAL B 115 -4.18 16.56 41.19
N PHE B 116 -4.35 17.25 40.06
CA PHE B 116 -3.68 18.51 39.77
C PHE B 116 -4.69 19.45 39.15
N ILE B 117 -4.57 20.74 39.48
CA ILE B 117 -5.45 21.76 38.92
C ILE B 117 -4.58 22.81 38.24
N PHE B 118 -5.09 23.34 37.13
CA PHE B 118 -4.33 24.27 36.28
C PHE B 118 -5.16 25.50 36.01
N PRO B 119 -4.76 26.67 36.52
CA PRO B 119 -5.47 27.91 36.18
C PRO B 119 -5.24 28.29 34.73
N PRO B 120 -6.13 29.08 34.13
CA PRO B 120 -5.92 29.50 32.74
C PRO B 120 -4.67 30.36 32.61
N SER B 121 -4.02 30.25 31.46
CA SER B 121 -2.81 31.01 31.19
C SER B 121 -3.14 32.46 30.88
N ASP B 122 -2.17 33.35 31.14
CA ASP B 122 -2.38 34.77 30.87
C ASP B 122 -2.63 35.01 29.39
N GLU B 123 -1.95 34.26 28.52
CA GLU B 123 -2.15 34.43 27.08
C GLU B 123 -3.59 34.14 26.69
N GLN B 124 -4.16 33.05 27.21
CA GLN B 124 -5.53 32.70 26.86
C GLN B 124 -6.51 33.75 27.38
N LEU B 125 -6.23 34.30 28.58
CA LEU B 125 -7.11 35.32 29.15
C LEU B 125 -7.25 36.54 28.24
N LYS B 126 -6.26 36.80 27.39
CA LYS B 126 -6.38 37.87 26.41
C LYS B 126 -7.45 37.56 25.36
N SER B 127 -7.55 36.29 24.96
CA SER B 127 -8.50 35.90 23.92
C SER B 127 -9.95 36.05 24.35
N GLY B 128 -10.22 36.17 25.65
CA GLY B 128 -11.57 36.35 26.13
C GLY B 128 -12.24 35.12 26.72
N THR B 129 -11.49 34.03 26.94
CA THR B 129 -12.03 32.83 27.55
C THR B 129 -11.00 32.26 28.52
N ALA B 130 -11.49 31.60 29.56
CA ALA B 130 -10.65 30.96 30.55
C ALA B 130 -10.94 29.47 30.58
N SER B 131 -9.88 28.66 30.50
CA SER B 131 -9.98 27.21 30.61
C SER B 131 -9.26 26.76 31.86
N VAL B 132 -9.98 26.13 32.77
CA VAL B 132 -9.41 25.56 33.98
C VAL B 132 -9.39 24.05 33.81
N VAL B 133 -8.24 23.44 34.04
CA VAL B 133 -8.05 22.01 33.78
C VAL B 133 -7.75 21.31 35.11
N CYS B 134 -8.45 20.21 35.35
CA CYS B 134 -8.22 19.34 36.50
C CYS B 134 -7.79 17.99 35.97
N LEU B 135 -6.65 17.50 36.43
CA LEU B 135 -6.07 16.25 35.96
C LEU B 135 -6.15 15.19 37.05
N LEU B 136 -6.65 14.01 36.69
CA LEU B 136 -6.64 12.83 37.55
C LEU B 136 -5.69 11.83 36.92
N ASN B 137 -4.57 11.55 37.59
CA ASN B 137 -3.46 10.86 36.97
C ASN B 137 -3.33 9.44 37.52
N ASN B 138 -3.41 8.46 36.63
CA ASN B 138 -2.99 7.07 36.88
C ASN B 138 -3.76 6.46 38.05
N PHE B 139 -5.06 6.30 37.85
CA PHE B 139 -5.92 5.71 38.86
C PHE B 139 -6.60 4.45 38.35
N TYR B 140 -7.16 3.68 39.29
CA TYR B 140 -7.91 2.48 38.98
C TYR B 140 -8.80 2.16 40.17
N PRO B 141 -10.07 1.75 39.95
CA PRO B 141 -10.73 1.55 38.66
C PRO B 141 -11.11 2.84 37.94
N ARG B 142 -11.78 2.70 36.80
CA ARG B 142 -12.00 3.86 35.94
C ARG B 142 -13.10 4.78 36.47
N GLU B 143 -14.03 4.26 37.27
CA GLU B 143 -15.12 5.07 37.80
C GLU B 143 -14.57 6.21 38.67
N ALA B 144 -14.97 7.44 38.37
CA ALA B 144 -14.58 8.58 39.18
C ALA B 144 -15.57 9.70 38.98
N LYS B 145 -15.73 10.52 40.02
CA LYS B 145 -16.60 11.70 39.97
C LYS B 145 -15.75 12.95 40.12
N VAL B 146 -15.93 13.89 39.20
CA VAL B 146 -15.25 15.19 39.23
C VAL B 146 -16.30 16.27 39.24
N GLN B 147 -16.21 17.20 40.17
CA GLN B 147 -17.14 18.32 40.24
C GLN B 147 -16.38 19.63 40.42
N TRP B 148 -16.87 20.67 39.76
CA TRP B 148 -16.26 21.99 39.82
C TRP B 148 -17.04 22.88 40.78
N LYS B 149 -16.31 23.68 41.55
CA LYS B 149 -16.91 24.69 42.42
C LYS B 149 -16.18 26.01 42.21
N VAL B 150 -16.93 27.07 41.98
CA VAL B 150 -16.38 28.41 41.82
C VAL B 150 -17.01 29.27 42.90
N ASP B 151 -16.19 29.70 43.87
CA ASP B 151 -16.69 30.36 45.09
C ASP B 151 -17.81 29.56 45.74
N ASN B 152 -17.54 28.26 45.94
CA ASN B 152 -18.44 27.32 46.59
C ASN B 152 -19.74 27.09 45.84
N ALA B 153 -19.83 27.51 44.58
CA ALA B 153 -21.00 27.30 43.76
C ALA B 153 -20.77 26.13 42.81
N LEU B 154 -21.61 25.11 42.89
CA LEU B 154 -21.46 23.94 42.04
C LEU B 154 -21.72 24.30 40.58
N GLN B 155 -20.82 23.87 39.71
CA GLN B 155 -20.89 24.18 38.29
C GLN B 155 -21.57 23.06 37.54
N SER B 156 -22.49 23.41 36.64
CA SER B 156 -23.21 22.44 35.84
C SER B 156 -23.33 22.92 34.40
N GLY B 157 -22.97 22.05 33.45
CA GLY B 157 -23.16 22.33 32.04
C GLY B 157 -22.02 23.04 31.34
N ASN B 158 -20.93 23.34 32.05
CA ASN B 158 -19.84 24.14 31.49
C ASN B 158 -18.49 23.42 31.61
N SER B 159 -18.50 22.09 31.63
CA SER B 159 -17.27 21.32 31.72
C SER B 159 -17.35 20.11 30.81
N GLN B 160 -16.18 19.66 30.35
CA GLN B 160 -16.08 18.47 29.52
C GLN B 160 -14.95 17.59 30.03
N GLU B 161 -15.20 16.28 30.04
CA GLU B 161 -14.23 15.30 30.49
C GLU B 161 -13.67 14.52 29.30
N SER B 162 -12.43 14.06 29.46
CA SER B 162 -11.81 13.15 28.52
C SER B 162 -10.98 12.16 29.30
N VAL B 163 -11.02 10.89 28.88
CA VAL B 163 -10.34 9.82 29.59
C VAL B 163 -9.49 9.05 28.59
N THR B 164 -8.32 8.59 29.04
CA THR B 164 -7.43 7.79 28.23
C THR B 164 -7.87 6.33 28.24
N GLU B 165 -7.34 5.57 27.28
CA GLU B 165 -7.47 4.12 27.35
C GLU B 165 -6.57 3.59 28.47
N GLN B 166 -6.91 2.39 28.95
CA GLN B 166 -6.13 1.76 30.01
C GLN B 166 -4.67 1.66 29.61
N ASP B 167 -3.78 2.12 30.49
CA ASP B 167 -2.36 2.16 30.18
C ASP B 167 -1.81 0.75 29.99
N SER B 168 -1.03 0.55 28.94
CA SER B 168 -0.49 -0.79 28.67
C SER B 168 0.49 -1.22 29.75
N LYS B 169 1.22 -0.28 30.35
CA LYS B 169 2.23 -0.62 31.34
C LYS B 169 1.62 -0.91 32.70
N ASP B 170 0.99 0.10 33.33
CA ASP B 170 0.52 -0.04 34.71
C ASP B 170 -0.98 -0.28 34.81
N SER B 171 -1.69 -0.37 33.69
CA SER B 171 -3.12 -0.68 33.65
C SER B 171 -3.98 0.34 34.37
N THR B 172 -3.51 1.58 34.54
CA THR B 172 -4.32 2.62 35.16
C THR B 172 -5.02 3.45 34.09
N TYR B 173 -5.85 4.37 34.54
CA TYR B 173 -6.54 5.33 33.71
C TYR B 173 -6.14 6.74 34.14
N SER B 174 -6.31 7.69 33.22
CA SER B 174 -6.15 9.10 33.54
C SER B 174 -7.31 9.88 32.92
N LEU B 175 -7.67 10.97 33.56
CA LEU B 175 -8.86 11.73 33.18
C LEU B 175 -8.57 13.22 33.29
N SER B 176 -9.13 13.98 32.37
CA SER B 176 -9.09 15.43 32.42
C SER B 176 -10.50 15.96 32.50
N SER B 177 -10.69 17.01 33.31
CA SER B 177 -11.92 17.80 33.31
C SER B 177 -11.54 19.25 33.03
N THR B 178 -12.20 19.86 32.06
CA THR B 178 -11.87 21.21 31.62
C THR B 178 -13.06 22.12 31.86
N LEU B 179 -12.87 23.12 32.69
CA LEU B 179 -13.88 24.13 32.97
C LEU B 179 -13.65 25.33 32.05
N THR B 180 -14.69 25.71 31.29
CA THR B 180 -14.60 26.80 30.34
C THR B 180 -15.58 27.90 30.74
N LEU B 181 -15.04 29.10 30.96
CA LEU B 181 -15.84 30.27 31.29
C LEU B 181 -15.40 31.44 30.42
N SER B 182 -16.34 32.35 30.17
CA SER B 182 -15.95 33.63 29.58
C SER B 182 -14.97 34.33 30.51
N LYS B 183 -14.03 35.07 29.91
CA LYS B 183 -13.09 35.85 30.72
C LYS B 183 -13.83 36.77 31.68
N ALA B 184 -15.00 37.26 31.28
CA ALA B 184 -15.80 38.10 32.17
C ALA B 184 -16.24 37.32 33.41
N ASP B 185 -16.86 36.16 33.21
CA ASP B 185 -17.30 35.36 34.35
C ASP B 185 -16.13 34.93 35.22
N TYR B 186 -14.98 34.65 34.60
CA TYR B 186 -13.81 34.22 35.36
C TYR B 186 -13.31 35.31 36.29
N GLU B 187 -13.50 36.58 35.91
CA GLU B 187 -12.92 37.68 36.67
C GLU B 187 -13.69 37.97 37.95
N LYS B 188 -15.02 37.80 37.94
CA LYS B 188 -15.83 38.11 39.11
C LYS B 188 -15.43 37.25 40.31
N HIS B 189 -15.08 35.99 40.07
CA HIS B 189 -14.94 35.01 41.13
C HIS B 189 -13.47 34.77 41.48
N LYS B 190 -13.26 34.14 42.64
CA LYS B 190 -11.94 34.03 43.26
C LYS B 190 -11.47 32.60 43.45
N VAL B 191 -12.29 31.72 44.00
CA VAL B 191 -11.87 30.37 44.39
C VAL B 191 -12.31 29.39 43.32
N TYR B 192 -11.36 28.62 42.80
CA TYR B 192 -11.63 27.61 41.77
C TYR B 192 -11.11 26.27 42.27
N ALA B 193 -12.01 25.28 42.31
CA ALA B 193 -11.68 23.97 42.88
C ALA B 193 -12.33 22.86 42.09
N CYS B 194 -11.60 21.76 41.89
CA CYS B 194 -12.17 20.53 41.39
C CYS B 194 -12.13 19.51 42.53
N GLU B 195 -13.27 18.86 42.77
CA GLU B 195 -13.42 17.90 43.85
C GLU B 195 -13.51 16.50 43.24
N VAL B 196 -12.63 15.61 43.68
CA VAL B 196 -12.44 14.31 43.05
C VAL B 196 -12.86 13.23 44.04
N THR B 197 -13.81 12.39 43.61
CA THR B 197 -14.27 11.24 44.39
C THR B 197 -13.82 9.97 43.69
N HIS B 198 -13.15 9.09 44.43
CA HIS B 198 -12.63 7.86 43.88
C HIS B 198 -12.39 6.85 44.99
N GLN B 199 -12.62 5.57 44.69
CA GLN B 199 -12.63 4.55 45.73
C GLN B 199 -11.24 4.31 46.32
N GLY B 200 -10.18 4.76 45.66
CA GLY B 200 -8.87 4.72 46.27
C GLY B 200 -8.59 5.80 47.31
N LEU B 201 -9.49 6.78 47.42
CA LEU B 201 -9.34 7.87 48.36
C LEU B 201 -10.21 7.62 49.58
N SER B 202 -9.65 7.83 50.78
CA SER B 202 -10.44 7.66 52.00
C SER B 202 -11.65 8.59 51.98
N SER B 203 -11.50 9.79 51.44
CA SER B 203 -12.58 10.74 51.25
C SER B 203 -12.21 11.64 50.09
N PRO B 204 -13.17 12.37 49.52
CA PRO B 204 -12.88 13.14 48.30
C PRO B 204 -11.74 14.14 48.49
N VAL B 205 -10.93 14.27 47.45
CA VAL B 205 -9.78 15.18 47.43
C VAL B 205 -10.16 16.42 46.64
N THR B 206 -9.91 17.59 47.21
CA THR B 206 -10.09 18.87 46.52
C THR B 206 -8.74 19.50 46.27
N LYS B 207 -8.52 19.97 45.05
CA LYS B 207 -7.39 20.82 44.71
C LYS B 207 -7.93 22.15 44.21
N SER B 208 -7.29 23.24 44.60
CA SER B 208 -7.87 24.55 44.35
C SER B 208 -6.77 25.60 44.18
N PHE B 209 -7.17 26.74 43.63
CA PHE B 209 -6.34 27.93 43.57
C PHE B 209 -7.23 29.15 43.70
N ASN B 210 -6.61 30.29 44.04
CA ASN B 210 -7.28 31.58 44.05
C ASN B 210 -6.78 32.39 42.87
N ARG B 211 -7.70 32.94 42.09
CA ARG B 211 -7.38 33.67 40.87
C ARG B 211 -6.39 34.81 41.15
N GLY B 212 -5.19 34.71 40.62
CA GLY B 212 -4.17 35.72 40.83
C GLY B 212 -2.94 35.20 41.57
N ALA C 1 -29.28 -17.80 5.79
CA ALA C 1 -28.89 -16.40 5.94
C ALA C 1 -29.20 -15.61 4.66
N VAL C 2 -29.05 -14.29 4.75
CA VAL C 2 -29.28 -13.43 3.59
C VAL C 2 -28.21 -13.67 2.53
N GLY C 3 -28.55 -13.30 1.29
CA GLY C 3 -27.63 -13.50 0.18
C GLY C 3 -27.91 -12.54 -0.96
N LEU C 4 -26.94 -12.45 -1.87
CA LEU C 4 -27.03 -11.52 -2.99
C LEU C 4 -26.79 -12.20 -4.33
N GLY C 5 -26.99 -13.51 -4.41
CA GLY C 5 -26.85 -14.20 -5.68
C GLY C 5 -25.42 -14.59 -6.00
N ALA C 6 -25.25 -15.09 -7.21
CA ALA C 6 -24.00 -15.69 -7.62
C ALA C 6 -22.90 -14.66 -7.79
N VAL C 7 -21.66 -15.12 -7.63
CA VAL C 7 -20.45 -14.32 -7.84
C VAL C 7 -19.53 -15.11 -8.76
N PHE C 8 -18.45 -14.46 -9.17
CA PHE C 8 -17.48 -15.08 -10.07
C PHE C 8 -16.61 -16.06 -9.31
N LEU C 9 -16.66 -17.34 -9.70
CA LEU C 9 -15.92 -18.40 -9.04
C LEU C 9 -14.59 -18.64 -9.73
N GLY C 10 -13.72 -19.36 -9.04
CA GLY C 10 -12.36 -19.60 -9.50
C GLY C 10 -11.42 -19.71 -8.32
N GLN D 1 11.80 19.45 -14.87
CA GLN D 1 12.49 20.25 -15.87
C GLN D 1 13.82 19.61 -16.26
N GLU D 2 14.46 18.94 -15.29
CA GLU D 2 15.78 18.36 -15.50
C GLU D 2 15.62 17.02 -16.22
N VAL D 3 16.13 16.95 -17.45
CA VAL D 3 15.86 15.84 -18.34
C VAL D 3 17.13 15.49 -19.10
N LEU D 4 17.36 14.20 -19.32
CA LEU D 4 18.42 13.72 -20.20
C LEU D 4 17.77 12.98 -21.36
N VAL D 5 18.06 13.41 -22.58
CA VAL D 5 17.47 12.82 -23.79
C VAL D 5 18.58 12.10 -24.54
N GLN D 6 18.36 10.82 -24.82
CA GLN D 6 19.35 10.00 -25.50
C GLN D 6 18.94 9.77 -26.95
N SER D 7 19.93 9.39 -27.76
CA SER D 7 19.69 9.11 -29.16
C SER D 7 18.95 7.78 -29.32
N GLY D 8 18.46 7.54 -30.54
CA GLY D 8 17.60 6.42 -30.81
C GLY D 8 18.29 5.07 -30.82
N ALA D 9 17.49 4.03 -30.99
CA ALA D 9 17.98 2.66 -30.92
C ALA D 9 18.99 2.38 -32.04
N GLU D 10 19.91 1.46 -31.75
CA GLU D 10 20.99 1.12 -32.65
C GLU D 10 21.01 -0.38 -32.90
N VAL D 11 21.44 -0.77 -34.10
CA VAL D 11 21.66 -2.16 -34.48
C VAL D 11 23.01 -2.25 -35.16
N LYS D 12 23.89 -3.11 -34.64
CA LYS D 12 25.25 -3.25 -35.14
C LYS D 12 25.58 -4.72 -35.35
N LYS D 13 26.43 -4.98 -36.35
CA LYS D 13 27.00 -6.30 -36.52
C LYS D 13 28.12 -6.50 -35.50
N PRO D 14 28.46 -7.75 -35.19
CA PRO D 14 29.60 -8.00 -34.30
C PRO D 14 30.87 -7.37 -34.87
N GLY D 15 31.70 -6.83 -33.96
CA GLY D 15 32.94 -6.19 -34.33
C GLY D 15 32.84 -4.72 -34.63
N ALA D 16 31.65 -4.21 -34.92
CA ALA D 16 31.48 -2.81 -35.27
C ALA D 16 31.54 -1.96 -34.00
N SER D 17 31.32 -0.66 -34.14
CA SER D 17 31.31 0.29 -33.03
C SER D 17 29.94 0.97 -32.97
N VAL D 18 29.64 1.55 -31.80
CA VAL D 18 28.41 2.31 -31.62
C VAL D 18 28.73 3.57 -30.84
N LYS D 19 28.08 4.67 -31.22
CA LYS D 19 28.21 5.95 -30.53
C LYS D 19 26.82 6.40 -30.12
N VAL D 20 26.59 6.52 -28.82
CA VAL D 20 25.31 6.96 -28.28
C VAL D 20 25.50 8.30 -27.59
N SER D 21 24.55 9.21 -27.81
CA SER D 21 24.62 10.55 -27.27
C SER D 21 23.59 10.72 -26.16
N CYS D 22 23.78 11.76 -25.35
CA CYS D 22 22.94 12.02 -24.19
C CYS D 22 23.00 13.52 -23.93
N ARG D 23 21.89 14.22 -24.16
CA ARG D 23 21.88 15.68 -24.08
C ARG D 23 21.09 16.13 -22.86
N ALA D 24 21.63 17.13 -22.15
CA ALA D 24 21.03 17.62 -20.91
C ALA D 24 20.12 18.81 -21.18
N PHE D 25 18.93 18.78 -20.58
CA PHE D 25 17.97 19.87 -20.62
C PHE D 25 17.57 20.23 -19.19
N GLY D 26 17.19 21.49 -19.00
CA GLY D 26 16.64 21.92 -17.73
C GLY D 26 17.63 22.08 -16.59
N TYR D 27 18.92 21.92 -16.85
CA TYR D 27 19.94 22.18 -15.84
C TYR D 27 21.26 22.39 -16.58
N THR D 28 22.24 22.90 -15.85
CA THR D 28 23.53 23.24 -16.44
C THR D 28 24.34 21.97 -16.66
N PHE D 29 24.62 21.67 -17.92
CA PHE D 29 25.28 20.42 -18.30
C PHE D 29 26.62 20.25 -17.58
N THR D 30 27.43 21.32 -17.54
CA THR D 30 28.74 21.21 -16.91
C THR D 30 28.67 21.17 -15.38
N GLY D 31 27.48 21.11 -14.79
CA GLY D 31 27.36 21.18 -13.35
C GLY D 31 27.38 19.86 -12.60
N ASN D 32 27.33 18.72 -13.29
CA ASN D 32 27.23 17.44 -12.61
C ASN D 32 27.96 16.37 -13.41
N ALA D 33 28.65 15.48 -12.69
CA ALA D 33 29.22 14.30 -13.34
C ALA D 33 28.10 13.42 -13.88
N LEU D 34 28.44 12.60 -14.88
CA LEU D 34 27.45 11.82 -15.61
C LEU D 34 27.94 10.38 -15.75
N HIS D 35 27.09 9.44 -15.41
CA HIS D 35 27.40 8.01 -15.45
C HIS D 35 26.87 7.38 -16.73
N TRP D 36 27.46 6.24 -17.09
CA TRP D 36 26.93 5.38 -18.13
C TRP D 36 26.71 3.99 -17.53
N VAL D 37 25.48 3.51 -17.63
CA VAL D 37 25.06 2.24 -17.04
C VAL D 37 24.23 1.49 -18.08
N ARG D 38 24.44 0.18 -18.18
CA ARG D 38 23.73 -0.63 -19.16
C ARG D 38 23.02 -1.79 -18.48
N GLN D 39 22.02 -2.33 -19.18
CA GLN D 39 21.19 -3.41 -18.65
C GLN D 39 20.84 -4.35 -19.79
N ALA D 40 21.40 -5.56 -19.74
CA ALA D 40 21.11 -6.58 -20.74
C ALA D 40 19.70 -7.12 -20.52
N PRO D 41 19.10 -7.73 -21.55
CA PRO D 41 17.73 -8.24 -21.40
C PRO D 41 17.59 -9.16 -20.21
N GLY D 42 16.64 -8.83 -19.33
CA GLY D 42 16.35 -9.62 -18.15
C GLY D 42 17.43 -9.65 -17.09
N GLN D 43 18.39 -8.73 -17.13
CA GLN D 43 19.51 -8.77 -16.21
C GLN D 43 19.56 -7.48 -15.38
N GLY D 44 20.59 -7.38 -14.55
CA GLY D 44 20.77 -6.27 -13.64
C GLY D 44 21.52 -5.12 -14.28
N LEU D 45 22.03 -4.23 -13.42
CA LEU D 45 22.65 -2.98 -13.85
C LEU D 45 24.17 -3.10 -13.79
N GLU D 46 24.84 -2.66 -14.86
CA GLU D 46 26.29 -2.74 -14.97
C GLU D 46 26.85 -1.35 -15.26
N TRP D 47 27.74 -0.88 -14.39
CA TRP D 47 28.35 0.44 -14.53
C TRP D 47 29.49 0.40 -15.54
N LEU D 48 29.43 1.29 -16.54
CA LEU D 48 30.47 1.38 -17.56
C LEU D 48 31.55 2.38 -17.18
N GLY D 49 31.16 3.53 -16.64
CA GLY D 49 32.09 4.57 -16.30
C GLY D 49 31.35 5.88 -16.11
N TRP D 50 32.12 6.95 -15.92
CA TRP D 50 31.50 8.25 -15.77
C TRP D 50 32.47 9.35 -16.20
N ILE D 51 31.92 10.54 -16.41
CA ILE D 51 32.63 11.66 -17.02
C ILE D 51 32.26 12.94 -16.28
N ASN D 52 33.24 13.84 -16.15
CA ASN D 52 33.00 15.20 -15.71
C ASN D 52 32.81 16.06 -16.96
N PRO D 53 31.60 16.53 -17.25
CA PRO D 53 31.40 17.26 -18.51
C PRO D 53 32.15 18.58 -18.58
N HIS D 54 32.35 19.24 -17.43
CA HIS D 54 33.16 20.45 -17.41
C HIS D 54 34.58 20.18 -17.89
N SER D 55 35.31 19.34 -17.17
CA SER D 55 36.73 19.12 -17.44
C SER D 55 36.99 18.03 -18.47
N GLY D 56 36.06 17.11 -18.67
CA GLY D 56 36.28 15.99 -19.56
C GLY D 56 36.93 14.78 -18.94
N ASP D 57 37.36 14.87 -17.69
CA ASP D 57 38.00 13.74 -17.03
C ASP D 57 37.01 12.59 -16.86
N THR D 58 37.52 11.37 -16.91
CA THR D 58 36.68 10.18 -16.91
C THR D 58 37.31 9.09 -16.07
N THR D 59 36.50 8.10 -15.74
CA THR D 59 36.96 6.83 -15.20
C THR D 59 36.14 5.74 -15.89
N THR D 60 36.82 4.76 -16.45
CA THR D 60 36.17 3.65 -17.13
C THR D 60 36.37 2.40 -16.29
N SER D 61 35.29 1.62 -16.10
CA SER D 61 35.43 0.34 -15.43
C SER D 61 36.48 -0.49 -16.15
N GLN D 62 37.35 -1.13 -15.36
CA GLN D 62 38.54 -1.79 -15.92
C GLN D 62 38.17 -2.78 -17.02
N LYS D 63 37.07 -3.51 -16.83
CA LYS D 63 36.59 -4.47 -17.81
C LYS D 63 36.40 -3.85 -19.20
N PHE D 64 36.16 -2.54 -19.27
CA PHE D 64 35.87 -1.88 -20.54
C PHE D 64 36.96 -0.91 -20.98
N GLN D 65 38.06 -0.78 -20.24
CA GLN D 65 39.13 0.11 -20.66
C GLN D 65 39.74 -0.37 -21.96
N GLY D 66 40.06 0.58 -22.84
CA GLY D 66 40.50 0.25 -24.17
C GLY D 66 39.39 -0.10 -25.14
N ARG D 67 38.14 -0.09 -24.69
CA ARG D 67 37.03 -0.44 -25.57
C ARG D 67 35.88 0.56 -25.45
N VAL D 68 35.76 1.20 -24.29
CA VAL D 68 34.68 2.15 -24.01
C VAL D 68 35.29 3.53 -23.81
N TYR D 69 34.71 4.54 -24.45
CA TYR D 69 35.23 5.90 -24.45
C TYR D 69 34.11 6.90 -24.20
N MET D 70 34.38 7.86 -23.31
CA MET D 70 33.40 8.85 -22.88
C MET D 70 33.92 10.24 -23.19
N THR D 71 33.15 11.00 -23.96
CA THR D 71 33.51 12.35 -24.35
C THR D 71 32.28 13.23 -24.27
N ARG D 72 32.45 14.51 -24.61
CA ARG D 72 31.33 15.43 -24.55
C ARG D 72 31.59 16.59 -25.50
N ASP D 73 30.50 17.15 -26.02
CA ASP D 73 30.50 18.41 -26.76
C ASP D 73 29.69 19.40 -25.92
N LYS D 74 30.40 20.31 -25.25
CA LYS D 74 29.74 21.26 -24.37
C LYS D 74 28.89 22.27 -25.15
N SER D 75 29.19 22.47 -26.43
CA SER D 75 28.43 23.44 -27.23
C SER D 75 26.99 22.98 -27.47
N ILE D 76 26.71 21.69 -27.35
CA ILE D 76 25.36 21.17 -27.52
C ILE D 76 24.89 20.41 -26.27
N ASN D 77 25.57 20.60 -25.14
CA ASN D 77 25.17 20.00 -23.87
C ASN D 77 25.02 18.48 -23.97
N THR D 78 25.93 17.84 -24.70
CA THR D 78 25.78 16.43 -25.04
C THR D 78 27.03 15.65 -24.65
N ALA D 79 26.82 14.53 -23.97
CA ALA D 79 27.87 13.56 -23.71
C ALA D 79 27.75 12.38 -24.68
N PHE D 80 28.88 11.74 -24.95
CA PHE D 80 28.91 10.62 -25.89
C PHE D 80 29.51 9.40 -25.21
N LEU D 81 28.96 8.23 -25.52
CA LEU D 81 29.54 6.95 -25.16
C LEU D 81 29.91 6.21 -26.44
N ASP D 82 31.17 5.80 -26.54
CA ASP D 82 31.67 5.05 -27.68
C ASP D 82 32.06 3.65 -27.20
N VAL D 83 31.44 2.63 -27.81
CA VAL D 83 31.73 1.23 -27.51
C VAL D 83 32.17 0.54 -28.79
N THR D 84 33.38 0.03 -28.80
CA THR D 84 33.99 -0.57 -29.97
C THR D 84 34.04 -2.09 -29.81
N ARG D 85 34.36 -2.77 -30.91
CA ARG D 85 34.52 -4.22 -30.93
C ARG D 85 33.34 -4.92 -30.26
N LEU D 86 32.15 -4.58 -30.75
CA LEU D 86 30.91 -5.05 -30.13
C LEU D 86 30.72 -6.54 -30.34
N THR D 87 30.13 -7.19 -29.35
CA THR D 87 29.64 -8.57 -29.47
C THR D 87 28.23 -8.64 -28.88
N SER D 88 27.63 -9.83 -29.01
CA SER D 88 26.28 -10.04 -28.51
C SER D 88 26.16 -9.74 -27.03
N ASP D 89 27.25 -9.87 -26.27
CA ASP D 89 27.22 -9.55 -24.85
C ASP D 89 27.00 -8.08 -24.58
N ASP D 90 27.16 -7.22 -25.59
CA ASP D 90 26.92 -5.80 -25.43
C ASP D 90 25.50 -5.40 -25.76
N THR D 91 24.66 -6.36 -26.19
CA THR D 91 23.25 -6.08 -26.40
C THR D 91 22.60 -5.68 -25.08
N GLY D 92 21.78 -4.64 -25.12
CA GLY D 92 21.12 -4.16 -23.93
C GLY D 92 20.69 -2.72 -24.10
N ILE D 93 20.16 -2.17 -23.02
CA ILE D 93 19.77 -0.77 -22.96
C ILE D 93 20.87 0.00 -22.24
N TYR D 94 21.33 1.08 -22.85
CA TYR D 94 22.41 1.90 -22.31
C TYR D 94 21.83 3.18 -21.78
N TYR D 95 22.08 3.48 -20.51
CA TYR D 95 21.58 4.68 -19.85
C TYR D 95 22.72 5.64 -19.54
N CYS D 96 22.45 6.93 -19.72
CA CYS D 96 23.20 7.97 -19.04
C CYS D 96 22.40 8.41 -17.82
N ALA D 97 23.11 8.80 -16.76
CA ALA D 97 22.46 9.19 -15.53
C ALA D 97 23.30 10.23 -14.80
N ARG D 98 22.67 11.34 -14.41
CA ARG D 98 23.35 12.39 -13.69
C ARG D 98 23.57 11.99 -12.23
N ASP D 99 24.75 12.33 -11.71
CA ASP D 99 25.02 12.14 -10.29
C ASP D 99 24.73 13.44 -9.55
N LYS D 100 24.14 13.31 -8.36
CA LYS D 100 23.92 14.48 -7.52
C LYS D 100 25.23 15.22 -7.25
N TYR D 101 26.32 14.45 -7.06
CA TYR D 101 27.68 14.99 -7.07
C TYR D 101 27.90 16.04 -5.99
N TYR D 102 27.19 15.90 -4.86
CA TYR D 102 27.41 16.79 -3.73
C TYR D 102 28.86 16.73 -3.28
N GLY D 103 29.45 17.89 -3.01
CA GLY D 103 30.85 17.92 -2.63
C GLY D 103 31.80 17.39 -3.67
N ASN D 104 31.36 17.35 -4.94
CA ASN D 104 32.19 16.89 -6.06
C ASN D 104 32.63 15.44 -5.87
N GLU D 105 31.75 14.60 -5.33
CA GLU D 105 31.97 13.17 -5.32
C GLU D 105 30.66 12.45 -5.58
N ALA D 106 30.76 11.16 -5.88
CA ALA D 106 29.60 10.36 -6.25
C ALA D 106 28.67 10.21 -5.06
N VAL D 107 27.40 10.57 -5.26
CA VAL D 107 26.38 10.49 -4.22
C VAL D 107 25.23 9.57 -4.62
N GLY D 108 24.76 9.69 -5.86
CA GLY D 108 23.62 8.92 -6.33
C GLY D 108 23.12 9.45 -7.65
N MET D 109 22.49 8.60 -8.45
CA MET D 109 22.08 8.93 -9.81
C MET D 109 20.64 9.40 -9.77
N ASP D 110 20.44 10.72 -9.85
CA ASP D 110 19.13 11.29 -9.58
C ASP D 110 18.33 11.60 -10.84
N VAL D 111 18.99 11.77 -11.99
CA VAL D 111 18.29 12.01 -13.26
C VAL D 111 18.81 11.00 -14.27
N TRP D 112 17.88 10.29 -14.93
CA TRP D 112 18.22 9.22 -15.86
C TRP D 112 17.68 9.54 -17.24
N GLY D 113 18.50 9.30 -18.26
CA GLY D 113 17.99 9.29 -19.63
C GLY D 113 16.99 8.17 -19.82
N GLN D 114 16.28 8.21 -20.94
CA GLN D 114 15.30 7.17 -21.23
C GLN D 114 15.94 5.86 -21.65
N GLY D 115 17.23 5.85 -21.95
CA GLY D 115 17.92 4.64 -22.37
C GLY D 115 18.00 4.54 -23.88
N THR D 116 19.06 3.89 -24.36
CA THR D 116 19.26 3.61 -25.78
C THR D 116 19.43 2.11 -25.96
N SER D 117 18.51 1.48 -26.67
CA SER D 117 18.65 0.07 -27.00
C SER D 117 19.73 -0.13 -28.06
N VAL D 118 20.68 -1.01 -27.76
CA VAL D 118 21.71 -1.43 -28.71
C VAL D 118 21.58 -2.94 -28.90
N THR D 119 21.35 -3.36 -30.14
CA THR D 119 21.27 -4.78 -30.48
C THR D 119 22.46 -5.15 -31.35
N VAL D 120 23.28 -6.09 -30.88
CA VAL D 120 24.44 -6.57 -31.61
C VAL D 120 24.09 -7.95 -32.17
N SER D 121 23.99 -8.05 -33.50
CA SER D 121 23.55 -9.28 -34.13
C SER D 121 23.97 -9.27 -35.59
N SER D 122 24.11 -10.47 -36.16
CA SER D 122 24.40 -10.63 -37.57
C SER D 122 23.17 -10.46 -38.46
N ALA D 123 21.98 -10.43 -37.86
CA ALA D 123 20.76 -10.40 -38.65
C ALA D 123 20.54 -9.02 -39.27
N SER D 124 19.77 -9.01 -40.35
CA SER D 124 19.34 -7.78 -41.01
C SER D 124 17.90 -7.47 -40.65
N THR D 125 17.55 -6.19 -40.76
CA THR D 125 16.20 -5.74 -40.45
C THR D 125 15.17 -6.46 -41.31
N LYS D 126 14.09 -6.93 -40.69
CA LYS D 126 13.07 -7.70 -41.39
C LYS D 126 11.74 -7.54 -40.67
N GLY D 127 10.68 -7.28 -41.43
CA GLY D 127 9.35 -7.19 -40.88
C GLY D 127 8.76 -8.56 -40.59
N PRO D 128 7.82 -8.63 -39.65
CA PRO D 128 7.28 -9.93 -39.24
C PRO D 128 6.19 -10.43 -40.18
N SER D 129 5.99 -11.75 -40.12
CA SER D 129 4.79 -12.36 -40.66
C SER D 129 3.76 -12.47 -39.54
N VAL D 130 2.51 -12.15 -39.85
CA VAL D 130 1.44 -12.12 -38.86
C VAL D 130 0.43 -13.18 -39.24
N PHE D 131 0.37 -14.25 -38.44
CA PHE D 131 -0.54 -15.36 -38.66
C PHE D 131 -1.63 -15.38 -37.59
N PRO D 132 -2.83 -15.85 -37.93
CA PRO D 132 -3.91 -15.84 -36.95
C PRO D 132 -3.82 -17.00 -35.98
N LEU D 133 -4.36 -16.76 -34.78
CA LEU D 133 -4.56 -17.78 -33.76
C LEU D 133 -6.08 -17.92 -33.60
N ALA D 134 -6.67 -18.79 -34.42
CA ALA D 134 -8.12 -18.81 -34.56
C ALA D 134 -8.77 -19.33 -33.28
N PRO D 135 -9.92 -18.77 -32.89
CA PRO D 135 -10.64 -19.30 -31.73
C PRO D 135 -11.11 -20.73 -31.95
N SER D 136 -11.11 -21.51 -30.88
CA SER D 136 -11.32 -22.95 -30.95
C SER D 136 -12.74 -23.29 -31.42
N SER D 137 -12.92 -24.55 -31.81
CA SER D 137 -14.23 -25.06 -32.17
C SER D 137 -14.96 -25.68 -30.98
N LYS D 138 -14.21 -26.19 -29.99
CA LYS D 138 -14.79 -26.71 -28.76
C LYS D 138 -14.90 -25.66 -27.67
N SER D 139 -15.06 -24.39 -28.06
CA SER D 139 -15.12 -23.30 -27.08
C SER D 139 -16.29 -23.50 -26.13
N THR D 140 -16.09 -23.12 -24.87
CA THR D 140 -17.12 -23.27 -23.86
C THR D 140 -18.38 -22.52 -24.26
N SER D 141 -19.47 -23.25 -24.46
CA SER D 141 -20.74 -22.66 -24.86
C SER D 141 -21.23 -21.68 -23.81
N GLY D 142 -21.27 -20.40 -24.15
CA GLY D 142 -21.60 -19.38 -23.16
C GLY D 142 -20.48 -19.08 -22.19
N GLY D 143 -19.24 -19.34 -22.57
CA GLY D 143 -18.10 -19.11 -21.69
C GLY D 143 -17.12 -18.10 -22.25
N THR D 144 -15.84 -18.48 -22.31
CA THR D 144 -14.77 -17.61 -22.76
C THR D 144 -14.04 -18.24 -23.94
N ALA D 145 -13.75 -17.42 -24.95
CA ALA D 145 -12.98 -17.84 -26.11
C ALA D 145 -11.71 -17.02 -26.21
N ALA D 146 -10.64 -17.65 -26.68
CA ALA D 146 -9.34 -17.01 -26.83
C ALA D 146 -8.96 -16.99 -28.30
N LEU D 147 -8.49 -15.82 -28.75
CA LEU D 147 -7.97 -15.66 -30.10
C LEU D 147 -6.67 -14.86 -30.01
N GLY D 148 -5.95 -14.80 -31.12
CA GLY D 148 -4.69 -14.07 -31.07
C GLY D 148 -4.04 -13.95 -32.43
N CYS D 149 -2.85 -13.34 -32.42
CA CYS D 149 -2.05 -13.15 -33.61
C CYS D 149 -0.62 -13.57 -33.31
N LEU D 150 -0.06 -14.41 -34.18
CA LEU D 150 1.33 -14.81 -34.08
C LEU D 150 2.17 -13.86 -34.92
N VAL D 151 3.07 -13.13 -34.25
CA VAL D 151 3.92 -12.14 -34.92
C VAL D 151 5.34 -12.71 -35.01
N LYS D 152 5.65 -13.34 -36.13
CA LYS D 152 6.80 -14.23 -36.22
C LYS D 152 7.88 -13.67 -37.15
N ASP D 153 9.14 -13.91 -36.75
CA ASP D 153 10.31 -13.70 -37.60
C ASP D 153 10.55 -12.25 -37.96
N TYR D 154 10.81 -11.40 -36.97
CA TYR D 154 11.17 -10.01 -37.22
C TYR D 154 12.48 -9.68 -36.52
N PHE D 155 13.08 -8.56 -36.93
CA PHE D 155 14.32 -8.04 -36.36
C PHE D 155 14.45 -6.59 -36.76
N PRO D 156 14.85 -5.70 -35.85
CA PRO D 156 15.07 -5.98 -34.43
C PRO D 156 13.83 -5.66 -33.61
N GLU D 157 13.95 -5.71 -32.29
CA GLU D 157 12.91 -5.17 -31.44
C GLU D 157 12.81 -3.66 -31.67
N PRO D 158 11.64 -3.05 -31.41
CA PRO D 158 10.40 -3.64 -30.93
C PRO D 158 9.28 -3.72 -31.97
N VAL D 159 8.19 -4.38 -31.59
CA VAL D 159 6.95 -4.38 -32.36
C VAL D 159 5.82 -4.02 -31.40
N THR D 160 4.89 -3.20 -31.87
CA THR D 160 3.68 -2.86 -31.12
C THR D 160 2.50 -3.59 -31.71
N VAL D 161 1.60 -4.04 -30.84
CA VAL D 161 0.38 -4.73 -31.26
C VAL D 161 -0.80 -4.07 -30.56
N SER D 162 -1.84 -3.77 -31.33
CA SER D 162 -3.11 -3.30 -30.81
C SER D 162 -4.22 -4.17 -31.37
N TRP D 163 -5.42 -4.02 -30.83
CA TRP D 163 -6.56 -4.85 -31.23
C TRP D 163 -7.73 -3.98 -31.62
N ASN D 164 -8.30 -4.25 -32.79
CA ASN D 164 -9.38 -3.47 -33.38
C ASN D 164 -9.08 -1.98 -33.32
N SER D 165 -7.89 -1.63 -33.82
CA SER D 165 -7.46 -0.24 -33.95
C SER D 165 -7.45 0.49 -32.61
N GLY D 166 -7.18 -0.24 -31.53
CA GLY D 166 -7.14 0.35 -30.21
C GLY D 166 -8.46 0.31 -29.47
N ALA D 167 -9.51 -0.28 -30.04
CA ALA D 167 -10.79 -0.35 -29.35
C ALA D 167 -10.79 -1.44 -28.29
N LEU D 168 -10.42 -2.66 -28.66
CA LEU D 168 -10.35 -3.78 -27.73
C LEU D 168 -9.05 -3.70 -26.93
N THR D 169 -9.17 -3.59 -25.60
CA THR D 169 -7.99 -3.53 -24.75
C THR D 169 -8.10 -4.50 -23.58
N SER D 170 -9.31 -4.73 -23.09
CA SER D 170 -9.50 -5.61 -21.93
C SER D 170 -9.22 -7.06 -22.31
N GLY D 171 -8.48 -7.76 -21.46
CA GLY D 171 -8.15 -9.14 -21.70
C GLY D 171 -7.02 -9.36 -22.69
N VAL D 172 -6.40 -8.30 -23.19
CA VAL D 172 -5.31 -8.44 -24.15
C VAL D 172 -4.02 -8.75 -23.41
N HIS D 173 -3.28 -9.75 -23.91
CA HIS D 173 -1.95 -10.07 -23.40
C HIS D 173 -1.01 -10.15 -24.60
N THR D 174 -0.12 -9.19 -24.73
CA THR D 174 0.92 -9.21 -25.75
C THR D 174 2.22 -9.66 -25.07
N PHE D 175 2.66 -10.86 -25.42
CA PHE D 175 3.75 -11.49 -24.69
C PHE D 175 5.10 -10.85 -25.04
N PRO D 176 6.05 -10.85 -24.10
CA PRO D 176 7.41 -10.47 -24.44
C PRO D 176 7.96 -11.35 -25.55
N ALA D 177 8.72 -10.73 -26.46
CA ALA D 177 9.26 -11.46 -27.59
C ALA D 177 10.31 -12.46 -27.15
N VAL D 178 10.39 -13.57 -27.87
CA VAL D 178 11.45 -14.56 -27.72
C VAL D 178 12.39 -14.44 -28.91
N LEU D 179 13.66 -14.72 -28.67
CA LEU D 179 14.67 -14.73 -29.72
C LEU D 179 14.84 -16.16 -30.20
N GLN D 180 14.63 -16.39 -31.49
CA GLN D 180 14.71 -17.72 -32.08
C GLN D 180 16.14 -18.02 -32.53
N SER D 181 16.39 -19.31 -32.80
CA SER D 181 17.72 -19.73 -33.23
C SER D 181 18.13 -19.06 -34.53
N SER D 182 17.16 -18.65 -35.34
CA SER D 182 17.45 -17.95 -36.58
C SER D 182 18.06 -16.57 -36.34
N GLY D 183 17.94 -16.04 -35.12
CA GLY D 183 18.30 -14.67 -34.84
C GLY D 183 17.18 -13.69 -35.04
N LEU D 184 15.99 -14.15 -35.43
CA LEU D 184 14.81 -13.32 -35.55
C LEU D 184 13.94 -13.49 -34.31
N TYR D 185 13.16 -12.46 -34.00
CA TYR D 185 12.28 -12.46 -32.85
C TYR D 185 10.88 -12.93 -33.25
N SER D 186 10.11 -13.35 -32.24
CA SER D 186 8.74 -13.78 -32.43
C SER D 186 7.96 -13.59 -31.13
N LEU D 187 6.70 -13.14 -31.26
CA LEU D 187 5.82 -13.03 -30.11
C LEU D 187 4.39 -13.32 -30.55
N SER D 188 3.53 -13.55 -29.56
CA SER D 188 2.09 -13.66 -29.79
C SER D 188 1.36 -12.62 -28.96
N SER D 189 0.25 -12.13 -29.49
CA SER D 189 -0.67 -11.27 -28.77
C SER D 189 -2.03 -11.95 -28.74
N VAL D 190 -2.56 -12.18 -27.54
CA VAL D 190 -3.83 -12.89 -27.37
C VAL D 190 -4.84 -11.97 -26.68
N VAL D 191 -6.10 -12.38 -26.75
CA VAL D 191 -7.19 -11.68 -26.09
C VAL D 191 -8.32 -12.66 -25.87
N THR D 192 -8.94 -12.60 -24.70
CA THR D 192 -10.11 -13.40 -24.38
C THR D 192 -11.37 -12.58 -24.57
N VAL D 193 -12.37 -13.19 -25.19
CA VAL D 193 -13.63 -12.52 -25.52
C VAL D 193 -14.79 -13.47 -25.25
N PRO D 194 -16.00 -12.93 -25.14
CA PRO D 194 -17.17 -13.80 -24.95
C PRO D 194 -17.33 -14.77 -26.12
N SER D 195 -17.51 -16.06 -25.79
CA SER D 195 -17.70 -17.07 -26.82
C SER D 195 -18.90 -16.76 -27.71
N SER D 196 -19.87 -16.02 -27.20
CA SER D 196 -21.05 -15.67 -27.99
C SER D 196 -20.70 -14.72 -29.12
N SER D 197 -19.67 -13.89 -28.94
CA SER D 197 -19.28 -12.92 -29.96
C SER D 197 -18.46 -13.52 -31.09
N LEU D 198 -18.19 -14.83 -31.06
CA LEU D 198 -17.52 -15.48 -32.18
C LEU D 198 -18.49 -15.59 -33.35
N GLY D 199 -18.10 -15.05 -34.49
CA GLY D 199 -18.96 -14.98 -35.65
C GLY D 199 -19.84 -13.75 -35.68
N THR D 200 -20.19 -13.20 -34.53
CA THR D 200 -20.95 -11.96 -34.47
C THR D 200 -20.02 -10.75 -34.57
N GLN D 201 -18.91 -10.79 -33.84
CA GLN D 201 -17.96 -9.69 -33.76
C GLN D 201 -16.70 -10.02 -34.55
N THR D 202 -16.13 -9.02 -35.20
CA THR D 202 -14.89 -9.17 -35.96
C THR D 202 -13.74 -8.56 -35.18
N TYR D 203 -12.62 -9.28 -35.11
CA TYR D 203 -11.44 -8.86 -34.37
C TYR D 203 -10.27 -8.71 -35.31
N ILE D 204 -9.54 -7.60 -35.17
CA ILE D 204 -8.41 -7.27 -36.04
C ILE D 204 -7.24 -6.87 -35.15
N CYS D 205 -6.11 -7.57 -35.29
CA CYS D 205 -4.88 -7.21 -34.61
C CYS D 205 -4.05 -6.31 -35.51
N ASN D 206 -3.56 -5.21 -34.96
CA ASN D 206 -2.82 -4.21 -35.72
C ASN D 206 -1.36 -4.28 -35.30
N VAL D 207 -0.53 -4.85 -36.17
CA VAL D 207 0.88 -5.06 -35.89
C VAL D 207 1.70 -3.95 -36.53
N ASN D 208 2.66 -3.41 -35.79
CA ASN D 208 3.52 -2.34 -36.29
C ASN D 208 4.97 -2.67 -35.94
N HIS D 209 5.82 -2.77 -36.96
CA HIS D 209 7.26 -2.93 -36.78
C HIS D 209 7.93 -1.75 -37.46
N LYS D 210 8.27 -0.72 -36.69
CA LYS D 210 8.80 0.53 -37.21
C LYS D 210 10.16 0.38 -37.87
N PRO D 211 11.11 -0.38 -37.31
CA PRO D 211 12.43 -0.47 -37.98
C PRO D 211 12.38 -0.92 -39.42
N SER D 212 11.35 -1.68 -39.81
CA SER D 212 11.23 -2.17 -41.18
C SER D 212 10.11 -1.49 -41.96
N ASN D 213 9.40 -0.54 -41.35
CA ASN D 213 8.26 0.14 -41.98
C ASN D 213 7.25 -0.89 -42.50
N THR D 214 6.69 -1.64 -41.56
CA THR D 214 5.70 -2.67 -41.87
C THR D 214 4.48 -2.45 -41.00
N LYS D 215 3.30 -2.50 -41.62
CA LYS D 215 2.02 -2.42 -40.90
C LYS D 215 1.12 -3.51 -41.44
N VAL D 216 0.59 -4.33 -40.53
CA VAL D 216 -0.25 -5.47 -40.88
C VAL D 216 -1.52 -5.44 -40.03
N ASP D 217 -2.66 -5.69 -40.66
CA ASP D 217 -3.94 -5.82 -39.98
C ASP D 217 -4.53 -7.17 -40.37
N LYS D 218 -4.39 -8.16 -39.50
CA LYS D 218 -4.94 -9.49 -39.72
C LYS D 218 -6.23 -9.61 -38.93
N LYS D 219 -7.28 -10.15 -39.57
CA LYS D 219 -8.52 -10.45 -38.89
C LYS D 219 -8.50 -11.93 -38.47
N VAL D 220 -8.97 -12.20 -37.26
CA VAL D 220 -8.99 -13.54 -36.71
C VAL D 220 -10.44 -14.00 -36.66
N GLU D 221 -10.71 -15.14 -37.28
CA GLU D 221 -12.04 -15.73 -37.34
C GLU D 221 -11.93 -17.22 -37.09
N PRO D 222 -13.01 -17.86 -36.64
CA PRO D 222 -12.95 -19.30 -36.38
C PRO D 222 -12.71 -20.09 -37.66
N LYS D 223 -11.94 -21.17 -37.52
CA LYS D 223 -11.60 -22.04 -38.65
C LYS D 223 -12.73 -23.03 -38.94
N ASP E 1 36.76 -6.45 -7.45
CA ASP E 1 35.57 -5.63 -7.32
C ASP E 1 34.85 -5.86 -6.00
N ILE E 2 34.00 -4.92 -5.62
CA ILE E 2 33.16 -5.07 -4.44
C ILE E 2 31.84 -5.69 -4.88
N GLN E 3 31.45 -6.77 -4.21
CA GLN E 3 30.24 -7.50 -4.55
C GLN E 3 29.12 -7.10 -3.60
N LEU E 4 27.96 -6.77 -4.16
CA LEU E 4 26.76 -6.42 -3.39
C LEU E 4 25.77 -7.56 -3.52
N THR E 5 25.48 -8.22 -2.41
CA THR E 5 24.55 -9.35 -2.38
C THR E 5 23.23 -8.88 -1.77
N GLN E 6 22.16 -8.93 -2.57
CA GLN E 6 20.83 -8.58 -2.11
C GLN E 6 20.04 -9.85 -1.79
N SER E 7 19.27 -9.79 -0.70
CA SER E 7 18.40 -10.88 -0.31
C SER E 7 17.13 -10.30 0.29
N PRO E 8 15.96 -10.89 0.00
CA PRO E 8 15.85 -12.00 -0.96
C PRO E 8 15.89 -11.50 -2.39
N SER E 9 16.15 -12.41 -3.35
CA SER E 9 16.10 -12.00 -4.74
C SER E 9 14.66 -11.79 -5.21
N PHE E 10 13.73 -12.59 -4.70
CA PHE E 10 12.31 -12.47 -5.03
C PHE E 10 11.51 -12.45 -3.75
N LEU E 11 10.49 -11.60 -3.71
CA LEU E 11 9.66 -11.44 -2.51
C LEU E 11 8.21 -11.25 -2.93
N SER E 12 7.35 -12.13 -2.45
CA SER E 12 5.91 -11.99 -2.61
C SER E 12 5.36 -11.39 -1.32
N ALA E 13 4.73 -10.22 -1.42
CA ALA E 13 4.20 -9.54 -0.25
C ALA E 13 2.82 -9.00 -0.57
N SER E 14 2.01 -8.86 0.47
CA SER E 14 0.68 -8.29 0.35
C SER E 14 0.74 -6.78 0.42
N VAL E 15 -0.22 -6.14 -0.25
CA VAL E 15 -0.38 -4.70 -0.10
C VAL E 15 -0.57 -4.39 1.38
N GLY E 16 0.14 -3.36 1.86
CA GLY E 16 0.11 -3.01 3.26
C GLY E 16 1.19 -3.66 4.10
N ASP E 17 1.89 -4.65 3.58
CA ASP E 17 2.94 -5.31 4.35
C ASP E 17 4.12 -4.38 4.60
N LYS E 18 4.74 -4.55 5.76
CA LYS E 18 6.07 -3.99 6.02
C LYS E 18 7.10 -4.99 5.53
N VAL E 19 8.04 -4.51 4.71
CA VAL E 19 9.07 -5.38 4.15
C VAL E 19 10.43 -4.75 4.38
N THR E 20 11.42 -5.60 4.60
CA THR E 20 12.81 -5.18 4.76
C THR E 20 13.67 -6.06 3.87
N ILE E 21 14.40 -5.43 2.94
CA ILE E 21 15.30 -6.15 2.06
C ILE E 21 16.72 -5.70 2.37
N THR E 22 17.68 -6.61 2.22
CA THR E 22 19.02 -6.39 2.70
C THR E 22 20.03 -6.36 1.55
N CYS E 23 21.12 -5.63 1.78
CA CYS E 23 22.22 -5.52 0.83
C CYS E 23 23.51 -5.68 1.60
N ARG E 24 24.32 -6.68 1.23
CA ARG E 24 25.55 -6.99 1.92
C ARG E 24 26.74 -6.76 0.99
N ALA E 25 27.72 -6.00 1.45
CA ALA E 25 28.90 -5.67 0.65
C ALA E 25 30.07 -6.58 1.04
N SER E 26 30.79 -7.06 0.03
CA SER E 26 31.92 -7.96 0.25
C SER E 26 33.04 -7.28 1.04
N GLN E 27 33.08 -5.96 1.07
CA GLN E 27 33.99 -5.22 1.93
C GLN E 27 33.36 -3.86 2.23
N GLY E 28 33.95 -3.16 3.19
CA GLY E 28 33.31 -1.95 3.72
C GLY E 28 33.19 -0.85 2.67
N VAL E 29 32.04 -0.19 2.66
CA VAL E 29 31.80 0.93 1.77
C VAL E 29 31.27 2.12 2.57
N ARG E 30 31.44 2.07 3.89
CA ARG E 30 31.08 3.18 4.80
C ARG E 30 29.59 3.46 4.63
N ASN E 31 29.17 4.72 4.48
CA ASN E 31 27.79 5.08 4.16
C ASN E 31 27.62 5.43 2.69
N GLU E 32 28.54 4.99 1.84
CA GLU E 32 28.57 5.44 0.45
C GLU E 32 27.78 4.44 -0.42
N LEU E 33 26.48 4.43 -0.18
CA LEU E 33 25.58 3.44 -0.76
C LEU E 33 24.24 4.07 -1.07
N ALA E 34 23.66 3.71 -2.21
CA ALA E 34 22.37 4.23 -2.64
C ALA E 34 21.43 3.08 -2.98
N TRP E 35 20.12 3.36 -2.91
CA TRP E 35 19.07 2.43 -3.27
C TRP E 35 18.25 2.99 -4.42
N TYR E 36 17.80 2.11 -5.32
CA TYR E 36 17.00 2.50 -6.47
C TYR E 36 15.76 1.62 -6.57
N GLN E 37 14.73 2.16 -7.19
CA GLN E 37 13.55 1.41 -7.62
C GLN E 37 13.50 1.42 -9.14
N GLN E 38 13.13 0.28 -9.73
CA GLN E 38 12.97 0.19 -11.17
C GLN E 38 11.73 -0.62 -11.50
N LYS E 39 10.91 -0.08 -12.35
CA LYS E 39 9.74 -0.77 -12.87
C LYS E 39 9.99 -1.23 -14.30
N PRO E 40 9.33 -2.29 -14.75
CA PRO E 40 9.61 -2.82 -16.10
C PRO E 40 9.43 -1.75 -17.16
N GLY E 41 10.42 -1.65 -18.05
CA GLY E 41 10.39 -0.68 -19.12
C GLY E 41 10.80 0.73 -18.73
N LYS E 42 11.22 0.96 -17.49
CA LYS E 42 11.59 2.29 -17.01
C LYS E 42 13.02 2.29 -16.51
N ALA E 43 13.62 3.48 -16.48
CA ALA E 43 14.92 3.64 -15.87
C ALA E 43 14.79 3.55 -14.35
N PRO E 44 15.87 3.21 -13.65
CA PRO E 44 15.82 3.19 -12.20
C PRO E 44 15.53 4.57 -11.62
N ASN E 45 15.08 4.58 -10.37
CA ASN E 45 14.65 5.77 -9.65
C ASN E 45 15.37 5.81 -8.31
N LEU E 46 16.07 6.90 -8.04
CA LEU E 46 16.84 7.01 -6.81
C LEU E 46 15.93 7.18 -5.60
N LEU E 47 16.11 6.34 -4.58
CA LEU E 47 15.35 6.39 -3.35
C LEU E 47 16.16 6.89 -2.16
N ILE E 48 17.38 6.38 -2.00
CA ILE E 48 18.19 6.60 -0.81
C ILE E 48 19.61 6.91 -1.25
N TYR E 49 20.24 7.88 -0.62
CA TYR E 49 21.68 8.09 -0.76
C TYR E 49 22.27 8.30 0.62
N TYR E 50 23.61 8.21 0.70
CA TYR E 50 24.32 8.21 1.98
C TYR E 50 23.77 7.12 2.89
N ALA E 51 23.32 6.01 2.29
CA ALA E 51 22.83 4.82 2.98
C ALA E 51 21.52 5.04 3.73
N SER E 52 21.23 6.27 4.16
CA SER E 52 20.03 6.51 4.94
C SER E 52 19.28 7.79 4.62
N THR E 53 19.76 8.62 3.70
CA THR E 53 19.11 9.88 3.39
C THR E 53 18.07 9.71 2.29
N LEU E 54 16.89 10.27 2.50
CA LEU E 54 15.77 10.11 1.58
C LEU E 54 15.90 11.09 0.42
N GLN E 55 15.90 10.57 -0.81
CA GLN E 55 15.91 11.44 -1.97
C GLN E 55 14.64 12.30 -2.01
N SER E 56 14.80 13.52 -2.52
CA SER E 56 13.69 14.46 -2.60
C SER E 56 12.52 13.87 -3.38
N GLY E 57 11.33 13.95 -2.81
CA GLY E 57 10.13 13.45 -3.44
C GLY E 57 9.78 12.01 -3.15
N VAL E 58 10.63 11.30 -2.41
CA VAL E 58 10.42 9.89 -2.10
C VAL E 58 9.54 9.80 -0.85
N PRO E 59 8.41 9.09 -0.90
CA PRO E 59 7.49 9.07 0.25
C PRO E 59 8.16 8.54 1.52
N SER E 60 7.64 9.00 2.65
CA SER E 60 8.26 8.75 3.95
C SER E 60 8.12 7.30 4.41
N ARG E 61 7.32 6.48 3.74
CA ARG E 61 7.26 5.06 4.10
C ARG E 61 8.58 4.36 3.78
N PHE E 62 9.38 4.91 2.87
CA PHE E 62 10.70 4.37 2.59
C PHE E 62 11.70 4.86 3.63
N SER E 63 12.57 3.95 4.07
CA SER E 63 13.67 4.31 4.97
C SER E 63 14.76 3.27 4.79
N ALA E 64 15.97 3.62 5.23
CA ALA E 64 17.10 2.72 5.07
C ALA E 64 18.14 2.99 6.14
N THR E 65 18.88 1.96 6.50
CA THR E 65 19.93 2.03 7.50
C THR E 65 21.14 1.23 7.04
N GLY E 66 22.23 1.38 7.77
CA GLY E 66 23.40 0.55 7.53
C GLY E 66 24.70 1.31 7.39
N SER E 67 25.80 0.63 7.65
CA SER E 67 27.14 1.17 7.46
C SER E 67 28.10 0.00 7.26
N GLY E 68 29.21 0.27 6.59
CA GLY E 68 30.21 -0.74 6.36
C GLY E 68 29.81 -1.78 5.33
N THR E 69 29.21 -2.89 5.78
CA THR E 69 28.93 -4.02 4.91
C THR E 69 27.48 -4.49 4.92
N HIS E 70 26.65 -4.03 5.85
CA HIS E 70 25.28 -4.52 5.99
C HIS E 70 24.31 -3.35 5.88
N PHE E 71 23.41 -3.40 4.91
CA PHE E 71 22.44 -2.33 4.68
C PHE E 71 21.06 -2.93 4.48
N THR E 72 20.04 -2.21 4.95
CA THR E 72 18.65 -2.61 4.77
C THR E 72 17.84 -1.45 4.23
N LEU E 73 16.92 -1.76 3.33
CA LEU E 73 15.87 -0.83 2.90
C LEU E 73 14.55 -1.34 3.43
N THR E 74 13.74 -0.44 3.99
CA THR E 74 12.48 -0.81 4.61
C THR E 74 11.35 0.05 4.05
N VAL E 75 10.25 -0.59 3.65
CA VAL E 75 9.01 0.09 3.34
C VAL E 75 8.04 -0.24 4.47
N SER E 76 7.61 0.79 5.20
CA SER E 76 6.78 0.56 6.38
C SER E 76 5.45 -0.09 6.01
N SER E 77 4.83 0.35 4.91
CA SER E 77 3.56 -0.22 4.47
C SER E 77 3.50 -0.14 2.95
N LEU E 78 3.64 -1.28 2.28
CA LEU E 78 3.73 -1.31 0.83
C LEU E 78 2.46 -0.77 0.18
N GLN E 79 2.63 0.21 -0.68
CA GLN E 79 1.54 0.68 -1.51
C GLN E 79 1.55 -0.06 -2.84
N PRO E 80 0.41 -0.07 -3.55
CA PRO E 80 0.38 -0.79 -4.85
C PRO E 80 1.43 -0.32 -5.83
N GLU E 81 1.83 0.96 -5.78
CA GLU E 81 2.84 1.45 -6.69
C GLU E 81 4.26 1.07 -6.26
N ASP E 82 4.42 0.40 -5.12
CA ASP E 82 5.75 0.04 -4.64
C ASP E 82 6.24 -1.31 -5.14
N PHE E 83 5.37 -2.10 -5.77
CA PHE E 83 5.81 -3.38 -6.28
C PHE E 83 6.63 -3.18 -7.55
N ALA E 84 7.90 -3.59 -7.48
CA ALA E 84 8.90 -3.32 -8.50
C ALA E 84 10.19 -3.98 -8.05
N THR E 85 11.29 -3.73 -8.76
CA THR E 85 12.58 -4.28 -8.38
C THR E 85 13.41 -3.19 -7.71
N TYR E 86 14.18 -3.57 -6.69
CA TYR E 86 14.98 -2.63 -5.92
C TYR E 86 16.45 -3.03 -5.96
N PHE E 87 17.32 -2.05 -6.20
CA PHE E 87 18.75 -2.24 -6.32
C PHE E 87 19.49 -1.38 -5.31
N CYS E 88 20.56 -1.92 -4.72
CA CYS E 88 21.53 -1.11 -4.00
C CYS E 88 22.74 -0.85 -4.90
N GLN E 89 23.51 0.18 -4.54
CA GLN E 89 24.69 0.56 -5.31
C GLN E 89 25.66 1.29 -4.40
N HIS E 90 26.94 0.93 -4.48
CA HIS E 90 28.00 1.61 -3.74
C HIS E 90 28.80 2.51 -4.68
N MET E 91 29.48 3.48 -4.08
CA MET E 91 30.34 4.39 -4.81
C MET E 91 31.58 4.72 -3.98
N SER E 92 32.12 3.73 -3.27
CA SER E 92 33.26 3.96 -2.41
C SER E 92 34.59 3.80 -3.14
N SER E 93 34.62 3.05 -4.22
CA SER E 93 35.83 2.84 -5.01
C SER E 93 35.41 2.27 -6.37
N TYR E 94 36.42 2.17 -7.29
CA TYR E 94 36.07 1.68 -8.61
C TYR E 94 36.27 0.16 -8.70
N PRO E 95 35.43 -0.53 -9.51
CA PRO E 95 34.30 0.06 -10.21
C PRO E 95 33.08 0.21 -9.31
N LEU E 96 32.17 1.10 -9.67
CA LEU E 96 30.88 1.16 -9.00
C LEU E 96 30.09 -0.09 -9.39
N THR E 97 29.41 -0.69 -8.42
CA THR E 97 28.64 -1.90 -8.68
C THR E 97 27.27 -1.81 -8.04
N PHE E 98 26.34 -2.58 -8.60
CA PHE E 98 24.96 -2.68 -8.13
C PHE E 98 24.71 -4.07 -7.57
N GLY E 99 23.78 -4.15 -6.62
CA GLY E 99 23.30 -5.44 -6.18
C GLY E 99 22.59 -6.19 -7.29
N GLY E 100 22.25 -7.45 -7.00
CA GLY E 100 21.54 -8.27 -7.96
C GLY E 100 20.07 -7.95 -8.12
N GLY E 101 19.51 -7.15 -7.24
CA GLY E 101 18.12 -6.76 -7.34
C GLY E 101 17.21 -7.59 -6.45
N THR E 102 16.14 -6.97 -5.97
CA THR E 102 15.10 -7.67 -5.22
C THR E 102 13.76 -7.37 -5.89
N LYS E 103 13.14 -8.39 -6.49
CA LYS E 103 11.87 -8.21 -7.16
C LYS E 103 10.73 -8.43 -6.16
N VAL E 104 9.89 -7.42 -5.97
CA VAL E 104 8.78 -7.46 -5.03
C VAL E 104 7.49 -7.56 -5.84
N GLU E 105 6.78 -8.68 -5.70
CA GLU E 105 5.54 -8.95 -6.43
CA GLU E 105 5.53 -8.89 -6.43
C GLU E 105 4.37 -9.02 -5.47
N ILE E 106 3.18 -8.71 -5.97
CA ILE E 106 1.97 -8.71 -5.15
C ILE E 106 1.51 -10.14 -4.90
N LYS E 107 1.27 -10.48 -3.64
CA LYS E 107 0.72 -11.77 -3.29
C LYS E 107 -0.80 -11.75 -3.45
N ARG E 108 -1.35 -12.85 -3.97
CA ARG E 108 -2.80 -12.96 -4.15
C ARG E 108 -3.20 -14.42 -4.05
N THR E 109 -4.51 -14.65 -4.05
CA THR E 109 -5.03 -16.01 -3.94
C THR E 109 -4.73 -16.82 -5.20
N VAL E 110 -4.76 -18.14 -5.04
CA VAL E 110 -4.48 -19.04 -6.15
C VAL E 110 -5.54 -18.86 -7.22
N ALA E 111 -5.11 -18.78 -8.47
CA ALA E 111 -6.01 -18.72 -9.62
C ALA E 111 -5.52 -19.70 -10.67
N ALA E 112 -6.39 -20.65 -11.05
CA ALA E 112 -6.00 -21.65 -12.04
C ALA E 112 -6.01 -21.06 -13.44
N PRO E 113 -5.12 -21.52 -14.31
CA PRO E 113 -5.08 -20.99 -15.68
C PRO E 113 -6.22 -21.54 -16.52
N SER E 114 -6.77 -20.67 -17.37
CA SER E 114 -7.54 -21.13 -18.53
C SER E 114 -6.56 -21.50 -19.63
N VAL E 115 -6.70 -22.71 -20.17
CA VAL E 115 -5.74 -23.28 -21.10
C VAL E 115 -6.38 -23.40 -22.48
N PHE E 116 -5.68 -22.92 -23.51
CA PHE E 116 -6.12 -22.99 -24.89
C PHE E 116 -4.97 -23.46 -25.76
N ILE E 117 -5.29 -24.18 -26.84
CA ILE E 117 -4.29 -24.61 -27.81
C ILE E 117 -4.69 -24.12 -29.19
N PHE E 118 -3.72 -23.69 -29.97
CA PHE E 118 -3.94 -23.12 -31.29
C PHE E 118 -3.16 -23.91 -32.33
N PRO E 119 -3.81 -24.48 -33.34
CA PRO E 119 -3.08 -25.15 -34.41
C PRO E 119 -2.44 -24.12 -35.34
N PRO E 120 -1.40 -24.50 -36.08
CA PRO E 120 -0.82 -23.56 -37.05
C PRO E 120 -1.81 -23.23 -38.15
N SER E 121 -1.79 -21.97 -38.58
CA SER E 121 -2.68 -21.56 -39.67
C SER E 121 -2.23 -22.19 -40.98
N ASP E 122 -3.17 -22.28 -41.92
CA ASP E 122 -2.83 -22.77 -43.25
C ASP E 122 -1.89 -21.81 -43.96
N GLU E 123 -2.03 -20.51 -43.72
CA GLU E 123 -1.15 -19.53 -44.36
C GLU E 123 0.30 -19.76 -43.95
N GLN E 124 0.54 -20.07 -42.66
CA GLN E 124 1.90 -20.34 -42.24
C GLN E 124 2.42 -21.64 -42.84
N LEU E 125 1.57 -22.67 -42.89
CA LEU E 125 2.00 -23.96 -43.40
C LEU E 125 2.47 -23.86 -44.85
N LYS E 126 1.83 -23.00 -45.65
CA LYS E 126 2.29 -22.79 -47.02
C LYS E 126 3.72 -22.29 -47.07
N SER E 127 4.14 -21.51 -46.06
CA SER E 127 5.51 -21.04 -46.00
C SER E 127 6.50 -22.12 -45.58
N GLY E 128 6.01 -23.26 -45.10
CA GLY E 128 6.88 -24.40 -44.82
C GLY E 128 7.17 -24.67 -43.36
N THR E 129 6.51 -24.00 -42.42
CA THR E 129 6.77 -24.20 -41.00
C THR E 129 5.46 -24.16 -40.23
N ALA E 130 5.39 -24.95 -39.17
CA ALA E 130 4.19 -25.05 -38.33
C ALA E 130 4.53 -24.60 -36.91
N SER E 131 3.78 -23.62 -36.42
CA SER E 131 3.87 -23.14 -35.05
C SER E 131 2.59 -23.51 -34.30
N VAL E 132 2.73 -24.27 -33.23
CA VAL E 132 1.61 -24.64 -32.36
C VAL E 132 1.75 -23.89 -31.06
N VAL E 133 0.69 -23.18 -30.66
CA VAL E 133 0.73 -22.27 -29.52
C VAL E 133 -0.22 -22.76 -28.43
N CYS E 134 0.29 -22.86 -27.21
CA CYS E 134 -0.49 -23.17 -26.01
C CYS E 134 -0.52 -21.95 -25.12
N LEU E 135 -1.72 -21.53 -24.70
CA LEU E 135 -1.90 -20.31 -23.91
C LEU E 135 -2.45 -20.66 -22.53
N LEU E 136 -1.73 -20.25 -21.49
CA LEU E 136 -2.17 -20.36 -20.11
C LEU E 136 -2.50 -18.96 -19.62
N ASN E 137 -3.77 -18.71 -19.32
CA ASN E 137 -4.26 -17.34 -19.15
C ASN E 137 -4.66 -17.06 -17.71
N ASN E 138 -4.09 -15.99 -17.15
CA ASN E 138 -4.52 -15.38 -15.88
C ASN E 138 -4.47 -16.40 -14.73
N PHE E 139 -3.26 -16.80 -14.38
CA PHE E 139 -3.06 -17.73 -13.29
C PHE E 139 -2.16 -17.14 -12.22
N TYR E 140 -2.24 -17.72 -11.02
CA TYR E 140 -1.38 -17.37 -9.90
C TYR E 140 -1.30 -18.60 -9.02
N PRO E 141 -0.10 -18.97 -8.52
CA PRO E 141 1.18 -18.28 -8.70
C PRO E 141 1.84 -18.49 -10.06
N ARG E 142 3.03 -17.91 -10.20
CA ARG E 142 3.72 -17.88 -11.49
C ARG E 142 4.19 -19.26 -11.94
N GLU E 143 4.53 -20.13 -10.99
CA GLU E 143 5.08 -21.43 -11.34
C GLU E 143 4.06 -22.26 -12.10
N ALA E 144 4.48 -22.76 -13.26
CA ALA E 144 3.64 -23.59 -14.10
C ALA E 144 4.52 -24.49 -14.95
N LYS E 145 3.99 -25.64 -15.31
CA LYS E 145 4.70 -26.59 -16.15
C LYS E 145 3.82 -26.93 -17.34
N VAL E 146 4.34 -26.77 -18.56
CA VAL E 146 3.64 -27.17 -19.77
C VAL E 146 4.52 -28.14 -20.53
N GLN E 147 3.89 -29.20 -21.06
CA GLN E 147 4.61 -30.26 -21.75
C GLN E 147 3.89 -30.54 -23.06
N TRP E 148 4.65 -30.64 -24.14
CA TRP E 148 4.10 -30.96 -25.45
C TRP E 148 4.23 -32.46 -25.70
N LYS E 149 3.14 -33.07 -26.12
CA LYS E 149 3.10 -34.48 -26.51
C LYS E 149 2.61 -34.57 -27.93
N VAL E 150 3.42 -35.15 -28.81
CA VAL E 150 3.06 -35.34 -30.21
C VAL E 150 2.86 -36.84 -30.42
N ASP E 151 1.61 -37.25 -30.66
CA ASP E 151 1.20 -38.64 -30.60
C ASP E 151 1.72 -39.30 -29.32
N ASN E 152 1.53 -38.60 -28.21
CA ASN E 152 1.89 -39.05 -26.86
C ASN E 152 3.39 -39.25 -26.69
N ALA E 153 4.19 -38.68 -27.57
CA ALA E 153 5.64 -38.62 -27.38
C ALA E 153 5.99 -37.26 -26.80
N LEU E 154 6.62 -37.25 -25.63
CA LEU E 154 7.00 -35.99 -24.98
C LEU E 154 8.04 -35.27 -25.82
N GLN E 155 7.83 -33.98 -26.05
CA GLN E 155 8.71 -33.17 -26.87
C GLN E 155 9.81 -32.53 -26.04
N SER E 156 10.97 -32.33 -26.67
CA SER E 156 12.09 -31.65 -26.07
C SER E 156 12.76 -30.76 -27.11
N GLY E 157 13.21 -29.58 -26.66
CA GLY E 157 14.04 -28.71 -27.47
C GLY E 157 13.37 -28.02 -28.63
N ASN E 158 12.08 -28.23 -28.85
CA ASN E 158 11.39 -27.61 -29.98
C ASN E 158 10.27 -26.67 -29.53
N SER E 159 10.39 -26.09 -28.33
CA SER E 159 9.41 -25.13 -27.85
C SER E 159 10.12 -23.99 -27.13
N GLN E 160 9.46 -22.83 -27.13
CA GLN E 160 9.92 -21.66 -26.39
C GLN E 160 8.75 -21.08 -25.61
N GLU E 161 9.01 -20.65 -24.37
CA GLU E 161 7.99 -20.07 -23.52
C GLU E 161 8.19 -18.56 -23.38
N SER E 162 7.09 -17.85 -23.13
CA SER E 162 7.11 -16.43 -22.79
C SER E 162 6.07 -16.20 -21.71
N VAL E 163 6.40 -15.36 -20.72
CA VAL E 163 5.53 -15.10 -19.58
C VAL E 163 5.38 -13.59 -19.42
N THR E 164 4.16 -13.15 -19.16
CA THR E 164 3.93 -11.73 -18.95
C THR E 164 4.45 -11.31 -17.57
N GLU E 165 4.65 -10.00 -17.41
CA GLU E 165 4.76 -9.44 -16.08
C GLU E 165 3.42 -9.58 -15.36
N GLN E 166 3.47 -9.56 -14.03
CA GLN E 166 2.26 -9.64 -13.24
C GLN E 166 1.28 -8.55 -13.67
N ASP E 167 0.05 -8.95 -13.97
CA ASP E 167 -0.96 -8.00 -14.44
C ASP E 167 -1.25 -6.95 -13.36
N SER E 168 -1.28 -5.69 -13.76
CA SER E 168 -1.48 -4.61 -12.79
C SER E 168 -2.92 -4.54 -12.28
N LYS E 169 -3.85 -5.22 -12.94
CA LYS E 169 -5.25 -5.22 -12.50
C LYS E 169 -5.55 -6.38 -11.55
N ASP E 170 -5.35 -7.62 -12.00
CA ASP E 170 -5.74 -8.78 -11.21
C ASP E 170 -4.56 -9.56 -10.65
N SER E 171 -3.34 -9.07 -10.84
CA SER E 171 -2.13 -9.64 -10.22
C SER E 171 -1.87 -11.08 -10.64
N THR E 172 -2.33 -11.48 -11.82
CA THR E 172 -2.04 -12.80 -12.34
C THR E 172 -0.94 -12.73 -13.39
N TYR E 173 -0.53 -13.91 -13.86
CA TYR E 173 0.41 -14.07 -14.96
C TYR E 173 -0.27 -14.83 -16.09
N SER E 174 0.25 -14.63 -17.29
CA SER E 174 -0.12 -15.46 -18.43
C SER E 174 1.15 -16.01 -19.06
N LEU E 175 1.02 -17.15 -19.73
CA LEU E 175 2.16 -17.83 -20.31
C LEU E 175 1.80 -18.40 -21.66
N SER E 176 2.72 -18.29 -22.60
CA SER E 176 2.60 -18.91 -23.91
C SER E 176 3.71 -19.94 -24.08
N SER E 177 3.37 -21.07 -24.69
CA SER E 177 4.35 -22.04 -25.15
C SER E 177 4.12 -22.27 -26.63
N THR E 178 5.18 -22.13 -27.43
CA THR E 178 5.06 -22.21 -28.87
C THR E 178 5.89 -23.38 -29.36
N LEU E 179 5.23 -24.39 -29.91
CA LEU E 179 5.90 -25.53 -30.53
C LEU E 179 6.12 -25.22 -32.00
N THR E 180 7.37 -25.34 -32.45
CA THR E 180 7.74 -25.01 -33.82
C THR E 180 8.20 -26.27 -34.53
N LEU E 181 7.56 -26.59 -35.64
CA LEU E 181 7.88 -27.78 -36.42
C LEU E 181 7.95 -27.42 -37.90
N SER E 182 8.84 -28.12 -38.61
CA SER E 182 8.80 -28.06 -40.06
C SER E 182 7.46 -28.62 -40.54
N LYS E 183 7.01 -28.12 -41.69
CA LYS E 183 5.76 -28.61 -42.26
C LYS E 183 5.80 -30.12 -42.49
N ALA E 184 6.98 -30.65 -42.82
CA ALA E 184 7.12 -32.08 -43.00
C ALA E 184 6.95 -32.83 -41.68
N ASP E 185 7.68 -32.41 -40.65
CA ASP E 185 7.53 -33.05 -39.34
C ASP E 185 6.12 -32.88 -38.80
N TYR E 186 5.45 -31.79 -39.14
CA TYR E 186 4.12 -31.54 -38.61
C TYR E 186 3.11 -32.57 -39.12
N GLU E 187 3.23 -32.98 -40.38
CA GLU E 187 2.31 -33.92 -40.97
C GLU E 187 2.68 -35.38 -40.72
N LYS E 188 3.85 -35.65 -40.14
CA LYS E 188 4.21 -37.02 -39.79
C LYS E 188 3.39 -37.56 -38.63
N HIS E 189 2.69 -36.71 -37.89
CA HIS E 189 2.02 -37.12 -36.66
C HIS E 189 0.60 -36.55 -36.62
N LYS E 190 -0.19 -37.05 -35.66
CA LYS E 190 -1.63 -36.84 -35.64
C LYS E 190 -2.10 -36.02 -34.44
N VAL E 191 -1.71 -36.39 -33.23
CA VAL E 191 -2.26 -35.80 -32.01
C VAL E 191 -1.29 -34.75 -31.49
N TYR E 192 -1.76 -33.51 -31.39
CA TYR E 192 -0.98 -32.41 -30.84
C TYR E 192 -1.65 -31.92 -29.57
N ALA E 193 -0.93 -32.05 -28.45
CA ALA E 193 -1.47 -31.74 -27.14
C ALA E 193 -0.45 -30.99 -26.31
N CYS E 194 -0.92 -30.07 -25.46
CA CYS E 194 -0.11 -29.47 -24.42
C CYS E 194 -0.76 -29.77 -23.07
N GLU E 195 0.05 -30.27 -22.14
CA GLU E 195 -0.41 -30.67 -20.82
C GLU E 195 0.10 -29.68 -19.79
N VAL E 196 -0.82 -29.08 -19.04
CA VAL E 196 -0.52 -27.97 -18.14
C VAL E 196 -0.69 -28.44 -16.71
N THR E 197 0.35 -28.27 -15.91
CA THR E 197 0.32 -28.54 -14.48
C THR E 197 0.44 -27.22 -13.72
N HIS E 198 -0.53 -26.95 -12.85
CA HIS E 198 -0.49 -25.75 -12.04
C HIS E 198 -1.16 -26.07 -10.71
N GLN E 199 -0.64 -25.47 -9.64
CA GLN E 199 -1.11 -25.83 -8.30
C GLN E 199 -2.56 -25.41 -8.05
N GLY E 200 -3.18 -24.68 -8.97
CA GLY E 200 -4.59 -24.38 -8.86
C GLY E 200 -5.54 -25.42 -9.41
N LEU E 201 -5.01 -26.52 -9.94
CA LEU E 201 -5.81 -27.59 -10.53
C LEU E 201 -5.56 -28.90 -9.79
N SER E 202 -6.59 -29.74 -9.73
CA SER E 202 -6.47 -31.03 -9.05
C SER E 202 -5.58 -32.00 -9.80
N SER E 203 -5.41 -31.78 -11.11
CA SER E 203 -4.75 -32.74 -11.99
C SER E 203 -4.32 -31.99 -13.24
N PRO E 204 -3.29 -32.46 -13.94
CA PRO E 204 -2.90 -31.82 -15.20
C PRO E 204 -4.08 -31.67 -16.14
N VAL E 205 -4.11 -30.55 -16.87
CA VAL E 205 -5.14 -30.25 -17.84
C VAL E 205 -4.51 -30.32 -19.22
N THR E 206 -5.11 -31.12 -20.10
CA THR E 206 -4.61 -31.32 -21.45
C THR E 206 -5.58 -30.71 -22.45
N LYS E 207 -5.06 -29.87 -23.34
CA LYS E 207 -5.78 -29.39 -24.51
C LYS E 207 -5.10 -29.94 -25.75
N SER E 208 -5.87 -30.61 -26.61
CA SER E 208 -5.30 -31.30 -27.77
C SER E 208 -6.14 -31.00 -29.00
N PHE E 209 -5.56 -31.34 -30.15
CA PHE E 209 -6.29 -31.34 -31.41
C PHE E 209 -5.66 -32.36 -32.35
N ASN E 210 -6.48 -32.90 -33.24
CA ASN E 210 -6.01 -33.81 -34.27
C ASN E 210 -5.75 -33.02 -35.54
N ARG E 211 -4.57 -33.20 -36.11
CA ARG E 211 -4.21 -32.53 -37.36
C ARG E 211 -5.26 -32.82 -38.43
N GLY E 212 -6.13 -31.85 -38.70
CA GLY E 212 -7.20 -32.03 -39.65
C GLY E 212 -8.47 -31.30 -39.25
N ALA F 1 34.06 8.96 -0.99
CA ALA F 1 33.63 8.39 -2.27
C ALA F 1 34.50 8.90 -3.41
N VAL F 2 34.42 8.21 -4.56
CA VAL F 2 35.16 8.63 -5.73
C VAL F 2 34.64 9.97 -6.24
N GLY F 3 35.49 10.67 -6.97
CA GLY F 3 35.14 11.98 -7.51
C GLY F 3 35.95 12.27 -8.75
N LEU F 4 35.52 13.30 -9.49
CA LEU F 4 36.17 13.67 -10.75
C LEU F 4 36.51 15.16 -10.80
N GLY F 5 36.67 15.80 -9.65
CA GLY F 5 37.09 17.18 -9.62
C GLY F 5 35.93 18.14 -9.74
N ALA F 6 36.28 19.43 -9.79
CA ALA F 6 35.29 20.49 -9.77
C ALA F 6 34.47 20.49 -11.06
N VAL F 7 33.26 21.03 -10.95
CA VAL F 7 32.37 21.22 -12.09
C VAL F 7 32.30 22.72 -12.36
N PHE F 8 31.45 23.13 -13.27
CA PHE F 8 31.21 24.55 -13.52
C PHE F 8 29.71 24.79 -13.56
N LEU F 9 29.20 25.42 -12.50
CA LEU F 9 27.77 25.71 -12.38
C LEU F 9 27.56 27.18 -12.73
N GLY F 10 27.49 27.43 -14.03
CA GLY F 10 27.24 28.77 -14.53
C GLY F 10 26.97 28.70 -16.01
N HIS F 11 26.46 29.80 -16.54
CA HIS F 11 26.23 29.90 -17.97
C HIS F 11 27.53 30.17 -18.70
N HIS F 12 27.76 29.42 -19.79
CA HIS F 12 28.86 29.69 -20.69
C HIS F 12 28.32 29.73 -22.12
N HIS F 13 28.93 30.58 -22.94
CA HIS F 13 28.45 30.76 -24.31
C HIS F 13 28.76 29.51 -25.14
N HIS F 14 27.74 29.00 -25.83
CA HIS F 14 27.88 27.84 -26.70
C HIS F 14 28.25 28.32 -28.10
N HIS F 15 29.35 27.79 -28.63
CA HIS F 15 29.99 28.41 -29.79
C HIS F 15 29.84 27.66 -31.10
N HIS F 16 29.23 26.48 -31.10
CA HIS F 16 28.91 25.70 -32.31
C HIS F 16 29.92 25.79 -33.45
#